data_8DMI
#
_entry.id   8DMI
#
_cell.length_a   1.00
_cell.length_b   1.00
_cell.length_c   1.00
_cell.angle_alpha   90.00
_cell.angle_beta   90.00
_cell.angle_gamma   90.00
#
_symmetry.space_group_name_H-M   'P 1'
#
loop_
_entity.id
_entity.type
_entity.pdbx_description
1 polymer 'Glycoprotein G1'
2 polymer 'Glycoprotein G2,Cobalamin adenosyltransferase-like domain-containing protein trimerization tag'
3 branched 2-acetamido-2-deoxy-beta-D-glucopyranose-(1-4)-2-acetamido-2-deoxy-beta-D-glucopyranose
4 non-polymer 2-acetamido-2-deoxy-beta-D-glucopyranose
#
loop_
_entity_poly.entity_id
_entity_poly.type
_entity_poly.pdbx_seq_one_letter_code
_entity_poly.pdbx_strand_id
1 'polypeptide(L)'
;MKLCILLAVVAFVGLSLGMYGLKGPDIYKGVYQFKSVEFDMSHLNLTMPNACSANNSHHYISMGTSGLELTFTNDSIISH
NFCNLTSAFNKKTFDHTLMSIVSSLHLSIRGNSNYKAVSCDFNNGITIQYNLTFSDAQSAQSQCRTFRGRVLDMFRTAFG
GKYMRSCWGWTGSDGKTTWCSQTSYQYLIIQNRTWENHCTYAGPFGMSRILLSQEKTKFLTRRRR
;
A,B,C
2 'polypeptide(L)'
;GTFTWTLSDSSGVENPGGYCLTKWMILAAELKCFGNTAVAKCNVNHDEEFCDMLRLIDYNKAALSKFKPDVESALHLFKT
TVNSLISDQLLMRNHLRDLMCVPYCNYSKFWYLEHAKTGETSVPKCWLVTNGAYLNETHFSDQIEQEADNMITEMLRKDY
IKRQGLEGGSPVVEVQGTIDELNSFIGYALVLSRWDDIRNDLFRIQNDLFVLGEDVSTGGKGRTVTREMIDYLEARVKEM
KAEIGKIELFVVPGGSVESASLHMARAVSRRLERRIVAASKLTEINKNVLIYANRLSSILFMHALISNKRLNIPEKIWAL
EVDDDDKAGWSHPQFEKGGGSGGGSGGGSWSHPQFEKGSGGLNDIFEAQKIEWHE
;
a,b,c
#
# COMPACT_ATOMS: atom_id res chain seq x y z
N ILE A 27 -17.46 22.04 28.29
CA ILE A 27 -16.55 23.16 28.19
C ILE A 27 -15.17 22.76 28.73
N TYR A 28 -14.13 23.34 28.15
CA TYR A 28 -12.76 23.04 28.56
C TYR A 28 -11.93 24.31 28.48
N LYS A 29 -11.13 24.57 29.51
CA LYS A 29 -10.31 25.77 29.65
C LYS A 29 -11.14 27.05 29.67
N GLY A 30 -12.45 26.94 29.86
CA GLY A 30 -13.31 28.11 29.93
C GLY A 30 -13.57 28.81 28.63
N VAL A 31 -13.03 28.32 27.51
CA VAL A 31 -13.17 28.98 26.22
C VAL A 31 -13.77 28.03 25.19
N TYR A 32 -13.18 26.85 25.03
CA TYR A 32 -13.63 25.89 24.03
C TYR A 32 -14.68 24.95 24.62
N GLN A 33 -15.54 24.43 23.76
CA GLN A 33 -16.64 23.58 24.16
C GLN A 33 -16.44 22.16 23.65
N PHE A 34 -16.68 21.19 24.51
CA PHE A 34 -16.57 19.77 24.16
C PHE A 34 -17.88 19.29 23.57
N LYS A 35 -17.81 18.71 22.38
CA LYS A 35 -18.95 18.08 21.75
C LYS A 35 -18.47 16.99 20.80
N SER A 36 -19.39 16.11 20.42
CA SER A 36 -19.07 14.94 19.63
C SER A 36 -19.81 14.97 18.30
N VAL A 37 -19.34 14.14 17.37
CA VAL A 37 -19.96 13.94 16.07
C VAL A 37 -20.44 12.49 16.03
N GLU A 38 -21.61 12.26 15.44
CA GLU A 38 -22.07 10.90 15.17
C GLU A 38 -22.43 10.78 13.69
N PHE A 39 -21.82 9.81 13.03
CA PHE A 39 -21.99 9.62 11.59
C PHE A 39 -23.07 8.58 11.31
N ASP A 40 -23.82 8.81 10.24
CA ASP A 40 -24.82 7.88 9.75
C ASP A 40 -24.28 7.30 8.45
N MET A 41 -24.26 5.98 8.34
CA MET A 41 -23.80 5.25 7.16
C MET A 41 -24.92 4.76 6.26
N SER A 42 -26.16 5.24 6.47
CA SER A 42 -27.26 4.79 5.63
C SER A 42 -27.11 5.29 4.20
N HIS A 43 -26.62 6.52 4.02
CA HIS A 43 -26.48 7.07 2.68
C HIS A 43 -25.26 6.52 1.95
N LEU A 44 -24.30 5.93 2.67
CA LEU A 44 -23.15 5.28 2.03
C LEU A 44 -23.50 3.85 1.62
N ASN A 45 -24.49 3.74 0.73
CA ASN A 45 -25.09 2.46 0.38
C ASN A 45 -25.04 2.19 -1.12
N LEU A 46 -25.32 3.19 -1.94
CA LEU A 46 -25.37 3.01 -3.39
C LEU A 46 -23.98 2.95 -4.01
N THR A 47 -22.96 3.45 -3.31
CA THR A 47 -21.61 3.48 -3.83
C THR A 47 -20.63 2.64 -3.03
N MET A 48 -20.97 2.26 -1.80
CA MET A 48 -20.04 1.59 -0.90
C MET A 48 -20.70 0.37 -0.28
N PRO A 49 -19.94 -0.70 -0.07
CA PRO A 49 -20.49 -1.86 0.63
C PRO A 49 -20.66 -1.59 2.12
N ASN A 50 -21.43 -2.46 2.77
CA ASN A 50 -21.70 -2.35 4.20
C ASN A 50 -21.61 -3.75 4.80
N ALA A 51 -20.96 -3.86 5.95
CA ALA A 51 -20.68 -5.15 6.60
C ALA A 51 -21.00 -5.01 8.07
N CYS A 52 -21.92 -5.85 8.57
CA CYS A 52 -22.37 -5.71 9.95
C CYS A 52 -22.85 -7.04 10.49
N SER A 53 -23.27 -7.01 11.76
CA SER A 53 -23.92 -8.14 12.40
C SER A 53 -25.13 -7.63 13.16
N ALA A 54 -26.28 -8.29 12.97
CA ALA A 54 -27.46 -7.96 13.77
C ALA A 54 -27.29 -8.44 15.20
N ASN A 55 -26.80 -9.67 15.37
CA ASN A 55 -26.55 -10.24 16.68
C ASN A 55 -25.52 -11.35 16.52
N ASN A 56 -25.40 -12.20 17.55
CA ASN A 56 -24.39 -13.26 17.55
C ASN A 56 -24.60 -14.21 16.38
N SER A 57 -25.85 -14.52 16.07
CA SER A 57 -26.16 -15.41 14.96
C SER A 57 -25.94 -14.78 13.59
N HIS A 58 -26.66 -13.71 13.26
CA HIS A 58 -26.80 -13.25 11.89
C HIS A 58 -25.82 -12.12 11.57
N HIS A 59 -25.34 -12.12 10.33
CA HIS A 59 -24.44 -11.09 9.81
C HIS A 59 -24.92 -10.72 8.41
N TYR A 60 -24.62 -9.50 7.99
CA TYR A 60 -25.12 -9.01 6.72
C TYR A 60 -24.05 -8.23 5.98
N ILE A 61 -24.05 -8.39 4.65
CA ILE A 61 -23.19 -7.62 3.76
C ILE A 61 -24.09 -7.06 2.65
N SER A 62 -24.31 -5.75 2.66
CA SER A 62 -25.25 -5.11 1.75
C SER A 62 -24.53 -4.10 0.87
N MET A 63 -24.70 -4.24 -0.44
CA MET A 63 -24.22 -3.26 -1.42
C MET A 63 -25.41 -2.79 -2.23
N GLY A 64 -25.74 -1.51 -2.08
CA GLY A 64 -26.92 -0.97 -2.76
C GLY A 64 -28.19 -1.68 -2.29
N THR A 65 -28.96 -2.19 -3.24
CA THR A 65 -30.16 -2.95 -2.93
C THR A 65 -29.91 -4.44 -2.85
N SER A 66 -28.65 -4.88 -2.91
CA SER A 66 -28.34 -6.29 -2.87
C SER A 66 -27.73 -6.66 -1.53
N GLY A 67 -28.01 -7.87 -1.07
CA GLY A 67 -27.55 -8.27 0.26
C GLY A 67 -27.20 -9.73 0.33
N LEU A 68 -26.29 -10.03 1.25
CA LEU A 68 -25.90 -11.39 1.60
C LEU A 68 -26.04 -11.59 3.09
N GLU A 69 -26.71 -12.68 3.47
CA GLU A 69 -26.96 -13.04 4.85
C GLU A 69 -26.05 -14.19 5.23
N LEU A 70 -25.20 -13.97 6.22
CA LEU A 70 -24.32 -14.99 6.77
C LEU A 70 -24.91 -15.43 8.11
N THR A 71 -25.50 -16.62 8.15
CA THR A 71 -26.14 -17.13 9.33
C THR A 71 -25.30 -18.26 9.93
N PHE A 72 -25.14 -18.22 11.25
CA PHE A 72 -24.45 -19.26 12.00
C PHE A 72 -25.44 -20.26 12.58
N THR A 73 -26.23 -20.88 11.70
CA THR A 73 -27.09 -21.98 12.12
C THR A 73 -26.21 -23.14 12.61
N ASN A 74 -26.83 -24.00 13.43
CA ASN A 74 -26.32 -25.25 14.00
C ASN A 74 -27.01 -26.41 13.29
N ASP A 75 -27.82 -26.11 12.25
CA ASP A 75 -28.41 -27.13 11.39
C ASP A 75 -27.95 -26.92 9.96
N SER A 76 -27.77 -28.04 9.25
CA SER A 76 -27.40 -28.03 7.85
C SER A 76 -28.62 -28.23 6.97
N ILE A 77 -28.54 -27.69 5.75
CA ILE A 77 -29.66 -27.67 4.82
C ILE A 77 -29.24 -28.26 3.49
N ILE A 78 -27.92 -28.39 3.28
CA ILE A 78 -27.36 -28.90 2.04
C ILE A 78 -26.39 -30.03 2.40
N SER A 79 -26.41 -31.11 1.62
CA SER A 79 -25.51 -32.23 1.87
C SER A 79 -24.78 -32.69 0.61
N HIS A 80 -24.60 -31.82 -0.38
CA HIS A 80 -23.91 -32.21 -1.61
C HIS A 80 -22.45 -32.54 -1.34
N ASN A 81 -21.77 -31.70 -0.54
CA ASN A 81 -20.34 -31.79 -0.27
C ASN A 81 -19.49 -31.78 -1.55
N PHE A 82 -19.99 -31.16 -2.62
CA PHE A 82 -19.24 -31.05 -3.86
C PHE A 82 -19.93 -30.00 -4.73
N CYS A 83 -19.14 -29.03 -5.21
CA CYS A 83 -19.71 -27.92 -5.96
C CYS A 83 -18.68 -27.32 -6.90
N ASN A 84 -19.17 -26.78 -8.02
CA ASN A 84 -18.32 -26.20 -9.05
C ASN A 84 -18.45 -24.68 -9.03
N LEU A 85 -17.33 -23.99 -8.80
CA LEU A 85 -17.34 -22.54 -8.67
C LEU A 85 -17.75 -21.85 -9.97
N THR A 86 -17.63 -22.53 -11.10
CA THR A 86 -18.12 -22.03 -12.38
C THR A 86 -19.64 -21.82 -12.41
N ASP A 95 -26.56 -11.78 -9.61
CA ASP A 95 -25.85 -10.61 -10.13
C ASP A 95 -24.35 -10.73 -9.90
N HIS A 96 -23.59 -9.86 -10.58
CA HIS A 96 -22.13 -9.90 -10.46
C HIS A 96 -21.63 -9.33 -9.13
N THR A 97 -22.37 -8.40 -8.53
CA THR A 97 -21.90 -7.78 -7.29
C THR A 97 -21.81 -8.80 -6.16
N LEU A 98 -22.87 -9.60 -5.98
CA LEU A 98 -22.86 -10.57 -4.90
C LEU A 98 -21.88 -11.68 -5.17
N MET A 99 -21.69 -12.03 -6.45
CA MET A 99 -20.69 -13.05 -6.79
C MET A 99 -19.28 -12.54 -6.53
N SER A 100 -19.05 -11.23 -6.72
CA SER A 100 -17.71 -10.70 -6.46
C SER A 100 -17.46 -10.61 -4.96
N ILE A 101 -18.48 -10.23 -4.19
CA ILE A 101 -18.33 -10.23 -2.73
C ILE A 101 -18.07 -11.65 -2.23
N VAL A 102 -18.81 -12.63 -2.75
CA VAL A 102 -18.61 -14.01 -2.31
C VAL A 102 -17.22 -14.50 -2.69
N SER A 103 -16.75 -14.18 -3.89
CA SER A 103 -15.42 -14.63 -4.28
C SER A 103 -14.34 -13.97 -3.43
N SER A 104 -14.52 -12.70 -3.08
CA SER A 104 -13.58 -12.05 -2.18
C SER A 104 -13.55 -12.75 -0.82
N LEU A 105 -14.74 -13.06 -0.28
CA LEU A 105 -14.80 -13.73 1.02
C LEU A 105 -14.17 -15.11 0.96
N HIS A 106 -14.41 -15.86 -0.12
CA HIS A 106 -13.88 -17.21 -0.23
C HIS A 106 -12.38 -17.21 -0.42
N LEU A 107 -11.87 -16.38 -1.33
CA LEU A 107 -10.42 -16.24 -1.50
C LEU A 107 -9.75 -15.73 -0.25
N SER A 108 -10.47 -15.02 0.63
CA SER A 108 -9.85 -14.55 1.86
C SER A 108 -9.78 -15.61 2.95
N ILE A 109 -10.46 -16.75 2.80
CA ILE A 109 -10.02 -17.90 3.59
C ILE A 109 -8.73 -18.41 2.95
N ARG A 110 -7.64 -18.37 3.71
CA ARG A 110 -6.32 -18.69 3.17
C ARG A 110 -5.99 -20.15 3.46
N GLY A 111 -4.95 -20.64 2.80
CA GLY A 111 -4.61 -22.05 2.92
C GLY A 111 -5.44 -22.91 1.99
N ASN A 112 -5.73 -24.13 2.43
CA ASN A 112 -6.49 -25.08 1.64
C ASN A 112 -7.84 -25.33 2.28
N SER A 113 -8.90 -25.20 1.48
CA SER A 113 -10.27 -25.37 1.97
C SER A 113 -10.67 -26.83 2.08
N ASN A 114 -9.72 -27.74 1.87
CA ASN A 114 -9.91 -29.19 2.04
C ASN A 114 -10.84 -29.78 0.98
N TYR A 115 -11.47 -28.93 0.17
CA TYR A 115 -12.30 -29.31 -0.98
C TYR A 115 -13.49 -30.18 -0.60
N LYS A 116 -13.65 -30.54 0.67
CA LYS A 116 -14.75 -31.39 1.10
C LYS A 116 -15.52 -30.81 2.27
N ALA A 117 -15.33 -29.53 2.60
CA ALA A 117 -16.06 -28.89 3.68
C ALA A 117 -16.96 -27.77 3.19
N VAL A 118 -17.07 -27.59 1.87
CA VAL A 118 -17.91 -26.55 1.29
C VAL A 118 -18.97 -27.23 0.43
N SER A 119 -20.21 -26.79 0.57
CA SER A 119 -21.30 -27.19 -0.31
C SER A 119 -21.88 -25.96 -0.98
N CYS A 120 -22.29 -26.10 -2.23
CA CYS A 120 -22.68 -24.94 -3.01
C CYS A 120 -24.07 -25.16 -3.60
N ASP A 121 -24.78 -24.06 -3.79
CA ASP A 121 -26.02 -24.06 -4.56
C ASP A 121 -26.11 -22.70 -5.24
N PHE A 122 -25.61 -22.62 -6.47
CA PHE A 122 -25.63 -21.38 -7.23
C PHE A 122 -26.87 -21.26 -8.10
N ASN A 123 -27.76 -22.25 -8.06
CA ASN A 123 -29.01 -22.18 -8.81
C ASN A 123 -30.03 -21.35 -8.05
N ASN A 124 -30.84 -20.61 -8.80
CA ASN A 124 -31.97 -19.81 -8.31
C ASN A 124 -31.63 -19.04 -7.03
N GLY A 125 -30.41 -18.53 -6.96
CA GLY A 125 -29.88 -17.90 -5.78
C GLY A 125 -28.49 -18.44 -5.45
N ILE A 126 -27.83 -17.76 -4.51
CA ILE A 126 -26.49 -18.15 -4.08
C ILE A 126 -26.58 -18.66 -2.65
N THR A 127 -26.17 -19.90 -2.43
CA THR A 127 -26.23 -20.51 -1.09
C THR A 127 -25.00 -21.38 -0.91
N ILE A 128 -24.08 -20.95 -0.05
CA ILE A 128 -22.83 -21.66 0.20
C ILE A 128 -22.77 -22.02 1.67
N GLN A 129 -22.57 -23.31 1.96
CA GLN A 129 -22.56 -23.80 3.33
C GLN A 129 -21.18 -24.34 3.68
N TYR A 130 -20.63 -23.83 4.78
CA TYR A 130 -19.34 -24.28 5.31
C TYR A 130 -19.60 -25.18 6.51
N ASN A 131 -18.81 -26.25 6.63
CA ASN A 131 -19.20 -27.37 7.49
C ASN A 131 -18.56 -27.29 8.88
N LEU A 132 -17.39 -26.65 9.02
CA LEU A 132 -17.02 -25.97 10.26
C LEU A 132 -17.02 -26.93 11.45
N THR A 133 -16.54 -28.16 11.23
CA THR A 133 -16.51 -29.16 12.27
C THR A 133 -15.19 -29.90 12.25
N PHE A 134 -14.82 -30.47 13.39
CA PHE A 134 -13.58 -31.22 13.50
C PHE A 134 -13.70 -32.55 12.77
N SER A 135 -12.71 -32.86 11.94
CA SER A 135 -12.72 -34.09 11.17
C SER A 135 -12.50 -35.31 12.06
N GLN A 141 -6.07 -29.19 20.99
CA GLN A 141 -6.36 -27.98 21.76
C GLN A 141 -5.80 -26.75 21.03
N SER A 142 -5.14 -26.99 19.90
CA SER A 142 -4.73 -25.89 19.02
C SER A 142 -5.93 -25.07 18.58
N GLN A 143 -6.98 -25.75 18.09
CA GLN A 143 -8.25 -25.15 17.74
C GLN A 143 -8.14 -24.10 16.64
N CYS A 144 -6.93 -23.90 16.10
CA CYS A 144 -6.69 -22.95 15.03
C CYS A 144 -6.19 -23.61 13.75
N ARG A 145 -5.52 -24.76 13.86
CA ARG A 145 -4.98 -25.46 12.70
C ARG A 145 -6.06 -26.14 11.87
N THR A 146 -7.30 -26.18 12.35
CA THR A 146 -8.38 -26.80 11.62
C THR A 146 -9.01 -25.82 10.64
N PHE A 147 -9.99 -26.34 9.90
CA PHE A 147 -10.77 -25.53 8.96
C PHE A 147 -11.65 -24.54 9.70
N ARG A 148 -12.14 -24.93 10.89
CA ARG A 148 -12.90 -24.00 11.72
C ARG A 148 -12.07 -22.78 12.07
N GLY A 149 -10.80 -22.97 12.42
CA GLY A 149 -9.96 -21.83 12.77
C GLY A 149 -9.85 -20.83 11.65
N ARG A 150 -9.61 -21.31 10.42
CA ARG A 150 -9.43 -20.40 9.29
C ARG A 150 -10.75 -19.76 8.85
N VAL A 151 -11.86 -20.51 8.93
CA VAL A 151 -13.14 -19.94 8.54
C VAL A 151 -13.56 -18.87 9.54
N LEU A 152 -13.37 -19.13 10.84
CA LEU A 152 -13.52 -18.07 11.82
C LEU A 152 -12.56 -16.93 11.58
N ASP A 153 -11.35 -17.20 11.09
CA ASP A 153 -10.43 -16.10 10.81
C ASP A 153 -10.96 -15.21 9.70
N MET A 154 -11.60 -15.79 8.69
CA MET A 154 -12.12 -14.97 7.59
C MET A 154 -13.38 -14.23 8.01
N PHE A 155 -14.29 -14.90 8.72
CA PHE A 155 -15.44 -14.20 9.29
C PHE A 155 -15.00 -13.06 10.21
N ARG A 156 -14.19 -13.39 11.21
CA ARG A 156 -13.44 -12.42 12.01
C ARG A 156 -12.94 -11.22 11.21
N THR A 157 -12.10 -11.45 10.20
CA THR A 157 -11.44 -10.32 9.53
C THR A 157 -12.41 -9.53 8.66
N ALA A 158 -13.54 -10.12 8.26
CA ALA A 158 -14.55 -9.36 7.55
C ALA A 158 -15.40 -8.51 8.49
N PHE A 159 -15.77 -9.05 9.65
CA PHE A 159 -16.80 -8.44 10.48
C PHE A 159 -16.28 -7.88 11.80
N GLY A 160 -14.98 -7.90 12.05
CA GLY A 160 -14.45 -7.46 13.31
C GLY A 160 -14.49 -8.53 14.38
N GLY A 161 -14.03 -8.16 15.57
CA GLY A 161 -13.95 -9.12 16.66
C GLY A 161 -14.87 -8.81 17.82
N LYS A 162 -16.01 -8.17 17.55
CA LYS A 162 -16.91 -7.82 18.64
C LYS A 162 -17.73 -9.04 19.10
N TYR A 163 -18.09 -9.91 18.16
CA TYR A 163 -18.83 -11.13 18.47
C TYR A 163 -17.92 -12.33 18.23
N MET A 164 -18.33 -13.50 18.73
CA MET A 164 -17.54 -14.72 18.60
C MET A 164 -16.07 -14.61 19.02
N ARG A 165 -15.68 -13.54 19.72
CA ARG A 165 -14.30 -13.38 20.19
C ARG A 165 -14.18 -13.83 21.64
N SER A 166 -12.99 -14.32 21.98
CA SER A 166 -12.61 -14.65 23.35
C SER A 166 -12.15 -13.39 24.06
N CYS A 167 -11.48 -13.52 25.22
CA CYS A 167 -10.98 -12.31 25.87
C CYS A 167 -12.07 -11.33 26.29
N GLY A 175 -4.24 -14.68 32.20
CA GLY A 175 -5.07 -15.48 31.32
C GLY A 175 -4.74 -15.29 29.85
N LYS A 176 -4.29 -16.35 29.19
CA LYS A 176 -3.94 -16.30 27.78
C LYS A 176 -5.00 -17.01 26.96
N THR A 177 -5.42 -16.36 25.87
CA THR A 177 -6.46 -16.87 24.98
C THR A 177 -5.85 -17.17 23.62
N THR A 178 -6.31 -18.27 23.01
CA THR A 178 -5.84 -18.67 21.69
C THR A 178 -6.05 -17.56 20.67
N TRP A 179 -5.31 -17.65 19.56
CA TRP A 179 -5.38 -16.60 18.54
C TRP A 179 -6.73 -16.59 17.84
N CYS A 180 -7.03 -17.65 17.11
CA CYS A 180 -8.26 -17.72 16.32
C CYS A 180 -9.49 -17.64 17.22
N SER A 181 -10.59 -17.17 16.63
CA SER A 181 -11.82 -17.00 17.38
C SER A 181 -12.43 -18.35 17.74
N GLN A 182 -13.36 -18.30 18.70
CA GLN A 182 -14.01 -19.51 19.21
C GLN A 182 -15.48 -19.49 18.83
N THR A 183 -16.02 -20.68 18.53
CA THR A 183 -17.40 -20.82 18.09
C THR A 183 -18.00 -22.10 18.66
N SER A 184 -19.29 -22.03 18.96
CA SER A 184 -20.04 -23.18 19.46
C SER A 184 -20.99 -23.75 18.43
N TYR A 185 -21.02 -23.19 17.22
CA TYR A 185 -21.84 -23.75 16.16
C TYR A 185 -20.98 -24.66 15.27
N GLN A 186 -21.63 -25.31 14.31
CA GLN A 186 -20.89 -26.20 13.42
C GLN A 186 -21.32 -26.02 11.96
N TYR A 187 -21.78 -24.84 11.58
CA TYR A 187 -22.30 -24.56 10.24
C TYR A 187 -22.18 -23.07 9.99
N LEU A 188 -22.01 -22.70 8.72
CA LEU A 188 -21.99 -21.29 8.33
C LEU A 188 -22.61 -21.18 6.94
N ILE A 189 -23.79 -20.58 6.84
CA ILE A 189 -24.52 -20.53 5.58
C ILE A 189 -24.57 -19.09 5.08
N ILE A 190 -24.07 -18.88 3.87
CA ILE A 190 -24.11 -17.57 3.21
C ILE A 190 -25.14 -17.66 2.09
N GLN A 191 -26.21 -16.88 2.19
CA GLN A 191 -27.28 -16.84 1.21
C GLN A 191 -27.47 -15.40 0.73
N ASN A 192 -28.33 -15.23 -0.26
CA ASN A 192 -28.69 -13.89 -0.72
C ASN A 192 -30.01 -13.45 -0.08
N ARG A 193 -30.06 -12.19 0.32
CA ARG A 193 -31.27 -11.66 0.96
C ARG A 193 -31.46 -10.22 0.51
N THR A 194 -32.69 -9.86 0.14
CA THR A 194 -32.97 -8.51 -0.31
C THR A 194 -33.01 -7.55 0.87
N TRP A 195 -31.99 -6.68 0.93
CA TRP A 195 -31.75 -5.83 2.09
C TRP A 195 -33.01 -5.09 2.54
N GLU A 196 -33.25 -5.10 3.85
CA GLU A 196 -34.41 -4.43 4.43
C GLU A 196 -34.04 -3.65 5.69
N ASN A 197 -32.80 -3.14 5.74
CA ASN A 197 -32.31 -2.37 6.89
C ASN A 197 -32.41 -3.20 8.18
N HIS A 198 -31.77 -4.37 8.16
CA HIS A 198 -31.82 -5.26 9.32
C HIS A 198 -30.94 -4.77 10.46
N CYS A 199 -29.72 -4.31 10.15
CA CYS A 199 -28.80 -3.85 11.17
C CYS A 199 -28.63 -2.34 11.06
N THR A 200 -27.72 -1.80 11.85
CA THR A 200 -27.27 -0.43 11.68
C THR A 200 -26.10 -0.41 10.72
N TYR A 201 -26.16 0.48 9.73
CA TYR A 201 -25.12 0.54 8.71
C TYR A 201 -23.76 0.82 9.33
N ALA A 202 -22.75 0.09 8.88
CA ALA A 202 -21.40 0.20 9.41
C ALA A 202 -20.43 0.88 8.45
N GLY A 203 -20.37 0.43 7.20
CA GLY A 203 -19.49 1.01 6.22
C GLY A 203 -18.67 -0.03 5.48
N PRO A 204 -17.82 0.44 4.57
CA PRO A 204 -17.02 -0.48 3.75
C PRO A 204 -15.69 -0.87 4.38
N PHE A 205 -15.52 -0.63 5.68
CA PHE A 205 -14.24 -0.88 6.32
C PHE A 205 -13.94 -2.37 6.42
N GLY A 206 -14.95 -3.18 6.75
CA GLY A 206 -14.75 -4.62 6.77
C GLY A 206 -14.43 -5.18 5.40
N MET A 207 -15.12 -4.70 4.37
CA MET A 207 -14.80 -5.13 3.01
C MET A 207 -13.41 -4.67 2.61
N SER A 208 -12.97 -3.50 3.07
CA SER A 208 -11.61 -3.06 2.81
C SER A 208 -10.60 -3.99 3.47
N ARG A 209 -10.86 -4.38 4.71
CA ARG A 209 -9.98 -5.35 5.39
C ARG A 209 -9.94 -6.67 4.63
N ILE A 210 -11.08 -7.10 4.08
CA ILE A 210 -11.10 -8.30 3.26
C ILE A 210 -10.24 -8.11 2.02
N LEU A 211 -10.35 -6.96 1.36
CA LEU A 211 -9.60 -6.71 0.15
C LEU A 211 -8.10 -6.71 0.40
N LEU A 212 -7.66 -6.09 1.50
CA LEU A 212 -6.24 -6.07 1.81
C LEU A 212 -5.71 -7.46 2.14
N SER A 213 -6.45 -8.21 2.96
CA SER A 213 -6.02 -9.55 3.38
C SER A 213 -6.64 -10.58 2.44
N GLN A 214 -6.10 -10.62 1.21
CA GLN A 214 -6.56 -11.54 0.18
C GLN A 214 -5.35 -12.24 -0.42
N GLU A 215 -5.37 -13.58 -0.42
CA GLU A 215 -4.31 -14.39 -0.99
C GLU A 215 -2.96 -14.07 -0.36
N LYS A 216 -2.88 -14.29 0.95
CA LYS A 216 -1.66 -14.04 1.70
C LYS A 216 -1.15 -15.32 2.37
N TRP B 5 -9.23 19.76 -2.55
CA TRP B 5 -9.19 18.33 -2.79
C TRP B 5 -10.59 17.75 -2.95
N THR B 6 -11.58 18.62 -2.84
CA THR B 6 -12.97 18.18 -2.93
C THR B 6 -13.31 17.78 -4.36
N LEU B 7 -13.94 16.61 -4.51
CA LEU B 7 -14.36 16.13 -5.82
C LEU B 7 -15.69 16.71 -6.27
N SER B 8 -16.41 17.41 -5.39
CA SER B 8 -17.69 17.98 -5.75
C SER B 8 -17.65 19.51 -5.63
N TYR B 19 -16.68 23.90 2.68
CA TYR B 19 -17.21 22.55 2.76
C TYR B 19 -17.42 22.09 4.20
N CYS B 20 -18.65 21.69 4.51
CA CYS B 20 -18.95 21.11 5.81
C CYS B 20 -20.23 20.28 5.71
N LEU B 21 -20.45 19.44 6.70
CA LEU B 21 -21.47 18.40 6.65
C LEU B 21 -22.87 19.00 6.63
N THR B 22 -23.87 18.12 6.53
CA THR B 22 -25.26 18.53 6.42
C THR B 22 -26.12 17.65 7.34
N LYS B 23 -27.44 17.73 7.16
CA LYS B 23 -28.37 17.06 8.05
C LYS B 23 -28.33 15.54 7.91
N TRP B 24 -28.38 15.03 6.68
CA TRP B 24 -28.50 13.59 6.48
C TRP B 24 -27.23 12.84 6.84
N MET B 25 -26.08 13.50 6.86
CA MET B 25 -24.84 12.82 7.24
C MET B 25 -24.69 12.67 8.75
N ILE B 26 -25.29 13.57 9.52
CA ILE B 26 -25.23 13.52 10.98
C ILE B 26 -26.43 12.74 11.49
N LEU B 27 -26.17 11.74 12.35
CA LEU B 27 -27.23 10.87 12.83
C LEU B 27 -27.91 11.43 14.07
N ALA B 28 -27.15 12.07 14.96
CA ALA B 28 -27.67 12.49 16.25
C ALA B 28 -28.36 13.86 16.19
N ALA B 29 -27.62 14.90 15.82
CA ALA B 29 -28.17 16.24 15.83
C ALA B 29 -28.80 16.57 14.48
N GLU B 30 -29.50 17.70 14.44
CA GLU B 30 -30.18 18.10 13.20
C GLU B 30 -29.17 18.55 12.15
N LEU B 31 -28.16 19.32 12.54
CA LEU B 31 -27.13 19.76 11.61
C LEU B 31 -25.97 20.40 12.37
N LYS B 32 -24.75 19.95 12.07
CA LYS B 32 -23.54 20.61 12.55
C LYS B 32 -22.45 20.40 11.51
N CYS B 33 -21.52 21.34 11.44
CA CYS B 33 -20.41 21.22 10.50
C CYS B 33 -19.27 22.11 10.95
N PHE B 34 -18.15 22.00 10.23
CA PHE B 34 -16.85 22.45 10.70
C PHE B 34 -16.38 23.67 9.91
N GLY B 35 -15.15 24.08 10.22
CA GLY B 35 -14.53 25.22 9.56
C GLY B 35 -13.61 24.80 8.42
N ASN B 36 -12.81 25.76 7.96
CA ASN B 36 -11.93 25.52 6.82
C ASN B 36 -10.62 24.84 7.22
N THR B 37 -10.22 24.94 8.49
CA THR B 37 -8.94 24.38 8.90
C THR B 37 -8.94 22.85 8.83
N ALA B 38 -10.05 22.21 9.19
CA ALA B 38 -10.10 20.75 9.18
C ALA B 38 -10.02 20.21 7.75
N VAL B 39 -10.83 20.76 6.84
CA VAL B 39 -10.80 20.32 5.45
C VAL B 39 -9.45 20.67 4.81
N ALA B 40 -8.86 21.80 5.18
CA ALA B 40 -7.54 22.15 4.66
C ALA B 40 -6.45 21.25 5.21
N LYS B 41 -6.65 20.67 6.40
CA LYS B 41 -5.68 19.76 6.95
C LYS B 41 -5.85 18.33 6.45
N CYS B 42 -7.05 17.93 6.06
CA CYS B 42 -7.29 16.61 5.50
C CYS B 42 -6.94 16.53 4.02
N ASN B 43 -5.73 16.94 3.65
CA ASN B 43 -5.25 16.82 2.28
C ASN B 43 -4.25 15.66 2.24
N VAL B 44 -4.76 14.46 2.01
CA VAL B 44 -3.97 13.24 2.14
C VAL B 44 -3.37 13.23 3.55
N ASN B 45 -4.22 13.08 4.55
CA ASN B 45 -3.81 12.97 5.95
C ASN B 45 -4.28 11.61 6.44
N HIS B 46 -3.34 10.79 6.91
CA HIS B 46 -3.61 9.41 7.27
C HIS B 46 -3.11 9.06 8.66
N ASP B 47 -2.98 10.07 9.52
CA ASP B 47 -2.85 9.86 10.94
C ASP B 47 -4.18 10.03 11.67
N GLU B 48 -5.27 10.26 10.94
CA GLU B 48 -6.57 10.54 11.53
C GLU B 48 -7.64 9.80 10.74
N GLU B 49 -8.72 9.40 11.45
CA GLU B 49 -9.82 8.69 10.81
C GLU B 49 -10.89 9.63 10.28
N PHE B 50 -11.01 10.83 10.86
CA PHE B 50 -12.01 11.79 10.40
C PHE B 50 -11.73 12.21 8.96
N CYS B 51 -10.46 12.33 8.58
CA CYS B 51 -10.13 12.67 7.20
C CYS B 51 -10.58 11.57 6.25
N ASP B 52 -10.42 10.31 6.64
CA ASP B 52 -10.91 9.20 5.82
C ASP B 52 -12.43 9.24 5.70
N MET B 53 -13.12 9.55 6.81
CA MET B 53 -14.58 9.67 6.74
C MET B 53 -15.00 10.80 5.80
N LEU B 54 -14.31 11.93 5.87
CA LEU B 54 -14.62 13.04 4.97
C LEU B 54 -14.36 12.66 3.52
N ARG B 55 -13.27 11.93 3.26
CA ARG B 55 -13.00 11.48 1.90
C ARG B 55 -14.10 10.55 1.39
N LEU B 56 -14.56 9.63 2.25
CA LEU B 56 -15.63 8.72 1.85
C LEU B 56 -16.91 9.49 1.53
N ILE B 57 -17.29 10.42 2.41
CA ILE B 57 -18.51 11.19 2.18
C ILE B 57 -18.40 12.03 0.92
N ASP B 58 -17.23 12.64 0.69
CA ASP B 58 -17.04 13.45 -0.51
C ASP B 58 -17.12 12.60 -1.76
N TYR B 59 -16.51 11.42 -1.75
CA TYR B 59 -16.58 10.53 -2.90
C TYR B 59 -18.02 10.12 -3.18
N ASN B 60 -18.78 9.77 -2.13
CA ASN B 60 -20.17 9.39 -2.33
C ASN B 60 -20.97 10.55 -2.91
N LYS B 61 -20.79 11.75 -2.36
CA LYS B 61 -21.54 12.91 -2.84
C LYS B 61 -21.21 13.21 -4.29
N ALA B 62 -19.92 13.12 -4.66
CA ALA B 62 -19.53 13.42 -6.03
C ALA B 62 -19.98 12.34 -7.00
N ALA B 63 -20.02 11.09 -6.56
CA ALA B 63 -20.44 10.01 -7.45
C ALA B 63 -21.95 10.00 -7.65
N LEU B 64 -22.71 10.37 -6.62
CA LEU B 64 -24.16 10.36 -6.75
C LEU B 64 -24.67 11.46 -7.67
N SER B 65 -23.96 12.59 -7.72
CA SER B 65 -24.42 13.75 -8.48
C SER B 65 -23.93 13.77 -9.91
N LYS B 66 -23.12 12.79 -10.33
CA LYS B 66 -22.58 12.77 -11.68
C LYS B 66 -22.83 11.48 -12.44
N PHE B 67 -23.17 10.38 -11.76
CA PHE B 67 -23.34 9.09 -12.40
C PHE B 67 -24.71 8.52 -12.06
N LYS B 68 -25.31 7.82 -13.01
CA LYS B 68 -26.56 7.14 -12.76
C LYS B 68 -26.34 5.97 -11.80
N PRO B 69 -27.37 5.60 -11.03
CA PRO B 69 -27.21 4.47 -10.10
C PRO B 69 -26.83 3.18 -10.82
N ASP B 70 -25.80 2.52 -10.30
CA ASP B 70 -25.36 1.24 -10.84
C ASP B 70 -24.53 0.54 -9.78
N VAL B 71 -24.94 -0.66 -9.38
CA VAL B 71 -24.31 -1.34 -8.25
C VAL B 71 -22.97 -1.95 -8.65
N GLU B 72 -22.96 -2.69 -9.77
CA GLU B 72 -21.74 -3.38 -10.19
C GLU B 72 -20.62 -2.39 -10.51
N SER B 73 -20.94 -1.33 -11.25
CA SER B 73 -19.92 -0.35 -11.60
C SER B 73 -19.41 0.39 -10.38
N ALA B 74 -20.30 0.72 -9.44
CA ALA B 74 -19.87 1.38 -8.21
C ALA B 74 -18.94 0.47 -7.41
N LEU B 75 -19.27 -0.81 -7.31
CA LEU B 75 -18.40 -1.76 -6.61
C LEU B 75 -17.05 -1.87 -7.30
N HIS B 76 -17.04 -1.91 -8.64
CA HIS B 76 -15.79 -1.98 -9.38
C HIS B 76 -14.92 -0.75 -9.12
N LEU B 77 -15.52 0.43 -9.18
CA LEU B 77 -14.76 1.66 -8.97
C LEU B 77 -14.27 1.76 -7.53
N PHE B 78 -15.06 1.28 -6.57
CA PHE B 78 -14.60 1.26 -5.18
C PHE B 78 -13.42 0.31 -5.00
N LYS B 79 -13.50 -0.88 -5.60
CA LYS B 79 -12.40 -1.84 -5.49
C LYS B 79 -11.13 -1.29 -6.14
N THR B 80 -11.27 -0.62 -7.27
CA THR B 80 -10.10 -0.05 -7.94
C THR B 80 -9.46 1.06 -7.11
N THR B 81 -10.29 1.93 -6.53
CA THR B 81 -9.80 3.10 -5.80
C THR B 81 -10.12 3.03 -4.31
N VAL B 82 -10.01 1.84 -3.72
CA VAL B 82 -10.21 1.71 -2.28
C VAL B 82 -9.07 2.35 -1.51
N ASN B 83 -7.85 2.25 -2.03
CA ASN B 83 -6.70 2.83 -1.33
C ASN B 83 -6.73 4.35 -1.36
N SER B 84 -7.39 4.94 -2.36
CA SER B 84 -7.45 6.39 -2.48
C SER B 84 -8.36 7.03 -1.45
N LEU B 85 -9.17 6.25 -0.75
CA LEU B 85 -10.18 6.78 0.16
C LEU B 85 -9.96 6.37 1.62
N ILE B 86 -9.80 5.08 1.88
CA ILE B 86 -9.66 4.56 3.23
C ILE B 86 -8.18 4.32 3.51
N SER B 87 -7.70 4.87 4.63
CA SER B 87 -6.33 4.64 5.06
C SER B 87 -6.18 3.18 5.47
N ASP B 88 -5.36 2.44 4.73
CA ASP B 88 -5.19 1.01 4.97
C ASP B 88 -4.57 0.74 6.33
N GLN B 89 -3.51 1.47 6.67
CA GLN B 89 -2.76 1.18 7.88
C GLN B 89 -3.53 1.60 9.13
N LEU B 90 -4.27 2.71 9.06
CA LEU B 90 -5.13 3.10 10.17
C LEU B 90 -6.19 2.03 10.40
N LEU B 91 -6.78 1.52 9.32
CA LEU B 91 -7.78 0.47 9.43
C LEU B 91 -7.19 -0.78 10.09
N MET B 92 -5.99 -1.17 9.67
CA MET B 92 -5.38 -2.37 10.25
C MET B 92 -4.92 -2.16 11.68
N ARG B 93 -4.50 -0.95 12.05
CA ARG B 93 -4.14 -0.70 13.44
C ARG B 93 -5.39 -0.74 14.32
N ASN B 94 -6.49 -0.13 13.86
CA ASN B 94 -7.72 -0.19 14.62
C ASN B 94 -8.21 -1.62 14.75
N HIS B 95 -8.04 -2.43 13.69
CA HIS B 95 -8.29 -3.85 13.80
C HIS B 95 -7.43 -4.49 14.89
N LEU B 96 -6.12 -4.26 14.85
CA LEU B 96 -5.21 -4.86 15.84
C LEU B 96 -5.59 -4.45 17.25
N ARG B 97 -6.06 -3.22 17.42
CA ARG B 97 -6.52 -2.77 18.73
C ARG B 97 -7.77 -3.52 19.16
N ASP B 98 -8.71 -3.72 18.24
CA ASP B 98 -9.90 -4.51 18.53
C ASP B 98 -9.50 -5.94 18.91
N LEU B 99 -8.43 -6.45 18.31
CA LEU B 99 -8.05 -7.85 18.46
C LEU B 99 -7.67 -8.19 19.89
N MET B 100 -6.90 -7.34 20.55
CA MET B 100 -6.26 -7.68 21.81
C MET B 100 -6.99 -7.12 23.02
N CYS B 101 -8.30 -6.97 22.95
CA CYS B 101 -9.06 -6.41 24.08
C CYS B 101 -8.55 -5.01 24.44
N VAL B 102 -8.45 -4.16 23.42
CA VAL B 102 -7.95 -2.79 23.58
C VAL B 102 -8.98 -1.83 23.00
N PRO B 103 -9.24 -0.68 23.64
CA PRO B 103 -10.19 0.29 23.06
C PRO B 103 -9.75 0.75 21.68
N TYR B 104 -10.63 0.57 20.70
CA TYR B 104 -10.33 0.84 19.30
C TYR B 104 -11.36 1.81 18.73
N CYS B 105 -11.13 2.21 17.49
CA CYS B 105 -12.03 3.10 16.75
C CYS B 105 -12.86 2.28 15.77
N ASN B 106 -14.18 2.36 15.90
CA ASN B 106 -15.07 1.68 14.97
C ASN B 106 -15.81 2.66 14.06
N TYR B 107 -15.26 3.86 13.89
CA TYR B 107 -15.63 4.80 12.83
C TYR B 107 -17.02 5.39 13.01
N SER B 108 -17.57 5.35 14.21
CA SER B 108 -18.92 5.86 14.44
C SER B 108 -18.94 7.25 15.05
N LYS B 109 -18.29 7.44 16.19
CA LYS B 109 -18.38 8.68 16.95
C LYS B 109 -17.03 9.37 16.96
N PHE B 110 -17.02 10.67 16.69
CA PHE B 110 -15.83 11.50 16.74
C PHE B 110 -16.08 12.70 17.63
N TRP B 111 -15.06 13.08 18.39
CA TRP B 111 -15.16 14.19 19.33
C TRP B 111 -14.07 15.23 19.04
N TYR B 112 -14.41 16.50 19.26
CA TYR B 112 -13.50 17.59 18.96
C TYR B 112 -13.81 18.75 19.89
N LEU B 113 -12.95 19.78 19.81
CA LEU B 113 -13.13 21.02 20.55
C LEU B 113 -13.20 22.18 19.55
N GLU B 114 -14.13 23.09 19.76
CA GLU B 114 -14.29 24.25 18.89
C GLU B 114 -14.29 25.52 19.71
N HIS B 115 -13.97 26.63 19.06
CA HIS B 115 -14.04 27.93 19.72
C HIS B 115 -15.49 28.34 19.92
N ALA B 116 -15.75 29.02 21.04
CA ALA B 116 -17.11 29.41 21.39
C ALA B 116 -17.66 30.44 20.41
N LYS B 117 -16.82 31.39 19.97
CA LYS B 117 -17.30 32.51 19.17
C LYS B 117 -16.90 32.41 17.70
N THR B 118 -15.61 32.25 17.41
CA THR B 118 -15.17 32.31 16.02
C THR B 118 -15.29 30.97 15.33
N GLY B 119 -15.76 29.95 16.05
CA GLY B 119 -15.93 28.63 15.46
C GLY B 119 -14.65 27.95 15.03
N GLU B 120 -13.52 28.24 15.69
CA GLU B 120 -12.26 27.59 15.37
C GLU B 120 -12.29 26.16 15.87
N THR B 121 -12.51 25.22 14.95
CA THR B 121 -12.62 23.81 15.30
C THR B 121 -11.27 23.11 15.11
N SER B 122 -11.11 21.97 15.78
CA SER B 122 -9.95 21.13 15.63
C SER B 122 -10.30 19.89 14.81
N VAL B 123 -9.33 19.00 14.66
CA VAL B 123 -9.55 17.74 13.94
C VAL B 123 -10.19 16.75 14.90
N PRO B 124 -11.40 16.28 14.61
CA PRO B 124 -12.09 15.37 15.55
C PRO B 124 -11.36 14.06 15.71
N LYS B 125 -10.98 13.76 16.95
CA LYS B 125 -10.43 12.45 17.28
C LYS B 125 -11.56 11.42 17.38
N CYS B 126 -11.24 10.17 17.09
CA CYS B 126 -12.23 9.11 17.17
C CYS B 126 -12.55 8.79 18.63
N TRP B 127 -13.82 8.46 18.87
CA TRP B 127 -14.27 8.06 20.19
C TRP B 127 -14.05 6.56 20.34
N LEU B 128 -13.08 6.18 21.16
CA LEU B 128 -12.72 4.77 21.30
C LEU B 128 -13.85 3.98 21.94
N VAL B 129 -13.97 2.71 21.55
CA VAL B 129 -15.02 1.83 22.02
C VAL B 129 -14.37 0.53 22.51
N THR B 130 -14.86 0.01 23.63
CA THR B 130 -14.39 -1.26 24.17
C THR B 130 -15.53 -1.98 24.85
N ASN B 131 -15.52 -3.31 24.75
CA ASN B 131 -16.54 -4.17 25.35
C ASN B 131 -17.95 -3.73 24.92
N GLY B 132 -18.07 -3.36 23.65
CA GLY B 132 -19.35 -2.93 23.11
C GLY B 132 -19.91 -1.68 23.76
N ALA B 133 -19.05 -0.75 24.16
CA ALA B 133 -19.50 0.48 24.79
C ALA B 133 -18.43 1.55 24.62
N TYR B 134 -18.88 2.79 24.44
CA TYR B 134 -17.96 3.91 24.27
C TYR B 134 -17.18 4.17 25.55
N LEU B 135 -15.96 4.66 25.38
CA LEU B 135 -15.14 5.03 26.53
C LEU B 135 -15.75 6.22 27.26
N ASN B 136 -15.62 6.23 28.58
CA ASN B 136 -16.12 7.34 29.37
C ASN B 136 -15.25 8.58 29.15
N GLU B 137 -15.82 9.75 29.39
CA GLU B 137 -15.12 11.01 29.17
C GLU B 137 -13.89 11.14 30.06
N THR B 138 -13.90 10.49 31.23
CA THR B 138 -12.78 10.59 32.16
C THR B 138 -11.61 9.71 31.77
N HIS B 139 -11.80 8.76 30.86
CA HIS B 139 -10.71 7.86 30.49
C HIS B 139 -9.68 8.52 29.59
N PHE B 140 -10.12 9.43 28.70
CA PHE B 140 -9.22 10.10 27.78
C PHE B 140 -9.23 11.61 27.99
N SER B 141 -9.39 12.05 29.24
CA SER B 141 -9.37 13.48 29.54
C SER B 141 -7.98 14.08 29.29
N ASP B 142 -6.93 13.28 29.47
CA ASP B 142 -5.58 13.76 29.22
C ASP B 142 -5.38 14.13 27.76
N GLN B 143 -5.92 13.31 26.84
CA GLN B 143 -5.85 13.64 25.43
C GLN B 143 -6.58 14.94 25.12
N ILE B 144 -7.75 15.13 25.75
CA ILE B 144 -8.51 16.36 25.53
C ILE B 144 -7.72 17.57 26.01
N GLU B 145 -7.10 17.46 27.19
CA GLU B 145 -6.31 18.57 27.70
C GLU B 145 -5.11 18.87 26.80
N GLN B 146 -4.43 17.82 26.33
CA GLN B 146 -3.29 18.01 25.44
C GLN B 146 -3.70 18.69 24.14
N GLU B 147 -4.84 18.25 23.57
CA GLU B 147 -5.31 18.87 22.33
C GLU B 147 -5.73 20.31 22.57
N ALA B 148 -6.36 20.60 23.71
CA ALA B 148 -6.69 21.99 24.02
C ALA B 148 -5.44 22.84 24.13
N ASP B 149 -4.39 22.32 24.78
CA ASP B 149 -3.15 23.08 24.91
C ASP B 149 -2.51 23.34 23.55
N ASN B 150 -2.38 22.31 22.72
CA ASN B 150 -1.71 22.51 21.44
C ASN B 150 -2.54 23.39 20.51
N MET B 151 -3.88 23.29 20.59
CA MET B 151 -4.74 24.15 19.79
C MET B 151 -4.64 25.60 20.24
N ILE B 152 -4.55 25.85 21.55
CA ILE B 152 -4.42 27.23 22.01
C ILE B 152 -3.06 27.79 21.64
N THR B 153 -2.02 26.96 21.64
CA THR B 153 -0.71 27.43 21.19
C THR B 153 -0.75 27.78 19.69
N GLU B 154 -1.39 26.92 18.89
CA GLU B 154 -1.54 27.22 17.47
C GLU B 154 -2.35 28.49 17.25
N MET B 155 -3.39 28.69 18.07
CA MET B 155 -4.21 29.89 17.93
C MET B 155 -3.43 31.16 18.25
N LEU B 156 -2.64 31.13 19.34
CA LEU B 156 -1.83 32.30 19.67
C LEU B 156 -0.75 32.54 18.61
N ARG B 157 -0.19 31.46 18.06
CA ARG B 157 0.81 31.62 17.00
C ARG B 157 0.17 32.26 15.76
N LYS B 158 -1.04 31.83 15.40
CA LYS B 158 -1.74 32.42 14.26
C LYS B 158 -2.13 33.87 14.54
N ASP B 159 -2.47 34.20 15.79
CA ASP B 159 -2.75 35.59 16.13
C ASP B 159 -1.50 36.45 15.99
N TYR B 160 -0.34 35.93 16.40
CA TYR B 160 0.90 36.69 16.31
C TYR B 160 1.26 37.01 14.87
N ILE B 161 1.58 35.98 14.09
CA ILE B 161 2.10 36.08 12.72
C ILE B 161 2.89 37.36 12.45
N ILE C 27 29.76 13.84 22.60
CA ILE C 27 29.13 15.10 22.93
C ILE C 27 29.06 15.98 21.70
N TYR C 28 28.01 16.80 21.60
CA TYR C 28 27.83 17.70 20.47
C TYR C 28 27.22 19.00 20.97
N LYS C 29 27.76 20.12 20.50
CA LYS C 29 27.35 21.47 20.90
C LYS C 29 27.55 21.72 22.40
N GLY C 30 28.30 20.86 23.08
CA GLY C 30 28.59 21.04 24.48
C GLY C 30 27.43 20.76 25.43
N VAL C 31 26.28 20.34 24.90
CA VAL C 31 25.09 20.11 25.73
C VAL C 31 24.56 18.69 25.54
N TYR C 32 24.33 18.29 24.30
CA TYR C 32 23.76 16.98 24.00
C TYR C 32 24.88 15.95 23.81
N GLN C 33 24.55 14.69 24.07
CA GLN C 33 25.51 13.60 24.02
C GLN C 33 25.15 12.64 22.89
N PHE C 34 26.17 12.24 22.13
CA PHE C 34 26.01 11.31 21.03
C PHE C 34 26.12 9.88 21.56
N LYS C 35 25.10 9.07 21.27
CA LYS C 35 25.12 7.66 21.59
C LYS C 35 24.23 6.90 20.62
N SER C 36 24.41 5.59 20.57
CA SER C 36 23.72 4.75 19.60
C SER C 36 22.86 3.71 20.31
N VAL C 37 21.93 3.13 19.54
CA VAL C 37 21.08 2.04 20.00
C VAL C 37 21.44 0.82 19.17
N GLU C 38 21.45 -0.34 19.80
CA GLU C 38 21.60 -1.61 19.08
C GLU C 38 20.46 -2.54 19.47
N PHE C 39 19.74 -3.02 18.46
CA PHE C 39 18.56 -3.84 18.67
C PHE C 39 18.92 -5.32 18.57
N ASP C 40 18.26 -6.13 19.40
CA ASP C 40 18.39 -7.58 19.37
C ASP C 40 17.07 -8.12 18.82
N MET C 41 17.15 -8.97 17.80
CA MET C 41 15.99 -9.60 17.17
C MET C 41 15.75 -11.03 17.63
N SER C 42 16.40 -11.47 18.71
CA SER C 42 16.19 -12.84 19.18
C SER C 42 14.78 -13.03 19.73
N HIS C 43 14.24 -12.02 20.41
CA HIS C 43 12.91 -12.14 20.98
C HIS C 43 11.80 -11.98 19.94
N LEU C 44 12.11 -11.40 18.78
CA LEU C 44 11.14 -11.31 17.69
C LEU C 44 11.13 -12.59 16.87
N ASN C 45 10.78 -13.70 17.55
CA ASN C 45 10.89 -15.03 16.98
C ASN C 45 9.57 -15.80 17.00
N LEU C 46 8.83 -15.70 18.10
CA LEU C 46 7.59 -16.45 18.24
C LEU C 46 6.44 -15.83 17.45
N THR C 47 6.55 -14.55 17.10
CA THR C 47 5.49 -13.84 16.38
C THR C 47 5.90 -13.38 14.99
N MET C 48 7.21 -13.32 14.69
CA MET C 48 7.69 -12.75 13.45
C MET C 48 8.71 -13.68 12.80
N PRO C 49 8.72 -13.75 11.47
CA PRO C 49 9.73 -14.54 10.78
C PRO C 49 11.09 -13.86 10.83
N ASN C 50 12.13 -14.63 10.52
CA ASN C 50 13.50 -14.14 10.51
C ASN C 50 14.19 -14.70 9.28
N ALA C 51 14.95 -13.85 8.59
CA ALA C 51 15.58 -14.19 7.31
C ALA C 51 17.03 -13.71 7.36
N CYS C 52 17.98 -14.62 7.19
CA CYS C 52 19.38 -14.25 7.33
C CYS C 52 20.26 -15.17 6.49
N SER C 53 21.56 -14.90 6.54
CA SER C 53 22.57 -15.76 5.96
C SER C 53 23.70 -15.94 6.96
N ALA C 54 24.12 -17.19 7.18
CA ALA C 54 25.29 -17.43 8.01
C ALA C 54 26.56 -17.01 7.29
N ASN C 55 26.67 -17.38 6.01
CA ASN C 55 27.81 -17.01 5.17
C ASN C 55 27.38 -17.08 3.72
N ASN C 56 28.36 -17.11 2.81
CA ASN C 56 28.08 -17.08 1.38
C ASN C 56 27.24 -18.30 0.98
N SER C 57 27.56 -19.46 1.55
CA SER C 57 26.82 -20.68 1.25
C SER C 57 25.43 -20.71 1.84
N HIS C 58 25.30 -20.66 3.17
CA HIS C 58 24.06 -21.05 3.85
C HIS C 58 23.21 -19.84 4.18
N HIS C 59 21.89 -20.03 4.11
CA HIS C 59 20.89 -19.02 4.44
C HIS C 59 19.81 -19.69 5.27
N TYR C 60 19.14 -18.91 6.10
CA TYR C 60 18.15 -19.48 7.01
C TYR C 60 16.91 -18.60 7.09
N ILE C 61 15.76 -19.25 7.20
CA ILE C 61 14.48 -18.58 7.44
C ILE C 61 13.81 -19.30 8.60
N SER C 62 13.73 -18.63 9.74
CA SER C 62 13.23 -19.23 10.98
C SER C 62 12.00 -18.50 11.47
N MET C 63 10.92 -19.25 11.71
CA MET C 63 9.71 -18.74 12.33
C MET C 63 9.44 -19.58 13.56
N GLY C 64 9.54 -18.95 14.73
CA GLY C 64 9.37 -19.69 15.98
C GLY C 64 10.43 -20.76 16.13
N THR C 65 9.99 -21.99 16.37
CA THR C 65 10.89 -23.13 16.46
C THR C 65 11.06 -23.86 15.13
N SER C 66 10.53 -23.30 14.04
CA SER C 66 10.62 -23.96 12.74
C SER C 66 11.60 -23.22 11.85
N GLY C 67 12.30 -23.96 11.01
CA GLY C 67 13.34 -23.35 10.20
C GLY C 67 13.45 -23.99 8.83
N LEU C 68 13.93 -23.18 7.89
CA LEU C 68 14.25 -23.62 6.53
C LEU C 68 15.68 -23.20 6.21
N GLU C 69 16.44 -24.16 5.71
CA GLU C 69 17.83 -23.98 5.34
C GLU C 69 17.94 -23.92 3.82
N LEU C 70 18.43 -22.80 3.30
CA LEU C 70 18.68 -22.63 1.88
C LEU C 70 20.19 -22.72 1.67
N THR C 71 20.64 -23.83 1.10
CA THR C 71 22.05 -24.09 0.88
C THR C 71 22.36 -23.97 -0.60
N PHE C 72 23.47 -23.29 -0.89
CA PHE C 72 23.98 -23.15 -2.26
C PHE C 72 25.06 -24.19 -2.53
N THR C 73 24.72 -25.47 -2.37
CA THR C 73 25.60 -26.54 -2.78
C THR C 73 25.83 -26.47 -4.30
N ASN C 74 26.95 -27.07 -4.73
CA ASN C 74 27.41 -27.25 -6.11
C ASN C 74 27.23 -28.73 -6.46
N ASP C 75 26.61 -29.52 -5.56
CA ASP C 75 26.24 -30.91 -5.83
C ASP C 75 24.74 -31.07 -5.71
N SER C 76 24.19 -31.93 -6.56
CA SER C 76 22.77 -32.28 -6.52
C SER C 76 22.54 -33.58 -5.78
N ILE C 77 21.35 -33.70 -5.20
CA ILE C 77 21.00 -34.82 -4.34
C ILE C 77 19.71 -35.46 -4.82
N ILE C 78 18.98 -34.76 -5.68
CA ILE C 78 17.70 -35.22 -6.22
C ILE C 78 17.76 -35.11 -7.73
N SER C 79 17.22 -36.13 -8.43
CA SER C 79 17.21 -36.12 -9.88
C SER C 79 15.84 -36.44 -10.47
N HIS C 80 14.75 -36.19 -9.71
CA HIS C 80 13.42 -36.49 -10.23
C HIS C 80 13.06 -35.61 -11.42
N ASN C 81 13.37 -34.32 -11.32
CA ASN C 81 12.99 -33.31 -12.31
C ASN C 81 11.50 -33.27 -12.60
N PHE C 82 10.68 -33.67 -11.63
CA PHE C 82 9.22 -33.62 -11.78
C PHE C 82 8.61 -33.78 -10.39
N CYS C 83 7.71 -32.87 -10.03
CA CYS C 83 7.13 -32.89 -8.70
C CYS C 83 5.76 -32.21 -8.70
N ASN C 84 4.91 -32.67 -7.79
CA ASN C 84 3.54 -32.18 -7.68
C ASN C 84 3.40 -31.32 -6.42
N LEU C 85 3.04 -30.05 -6.61
CA LEU C 85 2.95 -29.11 -5.50
C LEU C 85 1.87 -29.50 -4.49
N THR C 86 0.90 -30.31 -4.90
CA THR C 86 -0.10 -30.88 -3.99
C THR C 86 0.51 -31.76 -2.89
N ASP C 95 4.60 -28.98 8.60
CA ASP C 95 3.68 -28.01 9.17
C ASP C 95 3.24 -26.99 8.12
N HIS C 96 2.19 -26.22 8.44
CA HIS C 96 1.67 -25.23 7.50
C HIS C 96 2.55 -24.00 7.41
N THR C 97 3.28 -23.65 8.48
CA THR C 97 4.11 -22.45 8.46
C THR C 97 5.21 -22.55 7.41
N LEU C 98 5.94 -23.67 7.41
CA LEU C 98 7.04 -23.80 6.46
C LEU C 98 6.51 -23.96 5.04
N MET C 99 5.34 -24.58 4.88
CA MET C 99 4.76 -24.68 3.55
C MET C 99 4.31 -23.32 3.05
N SER C 100 3.86 -22.45 3.94
CA SER C 100 3.44 -21.12 3.51
C SER C 100 4.66 -20.26 3.15
N ILE C 101 5.72 -20.37 3.94
CA ILE C 101 6.97 -19.68 3.58
C ILE C 101 7.50 -20.17 2.24
N VAL C 102 7.48 -21.49 2.02
CA VAL C 102 7.98 -22.02 0.76
C VAL C 102 7.11 -21.56 -0.40
N SER C 103 5.79 -21.55 -0.22
CA SER C 103 4.92 -21.11 -1.32
C SER C 103 5.13 -19.63 -1.62
N SER C 104 5.34 -18.81 -0.58
CA SER C 104 5.65 -17.41 -0.82
C SER C 104 6.94 -17.26 -1.61
N LEU C 105 7.98 -18.00 -1.22
CA LEU C 105 9.25 -17.92 -1.92
C LEU C 105 9.12 -18.39 -3.37
N HIS C 106 8.37 -19.45 -3.61
CA HIS C 106 8.24 -19.98 -4.96
C HIS C 106 7.41 -19.06 -5.85
N LEU C 107 6.26 -18.58 -5.35
CA LEU C 107 5.47 -17.61 -6.09
C LEU C 107 6.23 -16.31 -6.32
N SER C 108 7.22 -15.99 -5.50
CA SER C 108 7.98 -14.78 -5.72
C SER C 108 9.07 -14.94 -6.77
N ILE C 109 9.39 -16.14 -7.22
CA ILE C 109 10.06 -16.24 -8.52
C ILE C 109 9.00 -15.96 -9.59
N ARG C 110 9.20 -14.89 -10.34
CA ARG C 110 8.20 -14.44 -11.29
C ARG C 110 8.51 -15.00 -12.68
N GLY C 111 7.54 -14.90 -13.59
CA GLY C 111 7.70 -15.48 -14.90
C GLY C 111 7.34 -16.96 -14.90
N ASN C 112 8.03 -17.72 -15.74
CA ASN C 112 7.79 -19.14 -15.88
C ASN C 112 8.98 -19.93 -15.36
N SER C 113 8.70 -20.89 -14.48
CA SER C 113 9.76 -21.69 -13.86
C SER C 113 10.24 -22.82 -14.77
N ASN C 114 9.76 -22.84 -16.02
CA ASN C 114 10.20 -23.80 -17.04
C ASN C 114 9.73 -25.21 -16.75
N TYR C 115 9.17 -25.45 -15.56
CA TYR C 115 8.55 -26.71 -15.16
C TYR C 115 9.52 -27.89 -15.18
N LYS C 116 10.78 -27.68 -15.59
CA LYS C 116 11.76 -28.75 -15.65
C LYS C 116 13.06 -28.42 -14.93
N ALA C 117 13.09 -27.37 -14.12
CA ALA C 117 14.28 -27.01 -13.36
C ALA C 117 14.07 -27.13 -11.86
N VAL C 118 12.92 -27.64 -11.42
CA VAL C 118 12.62 -27.80 -10.00
C VAL C 118 12.41 -29.28 -9.74
N SER C 119 13.01 -29.77 -8.66
CA SER C 119 12.75 -31.11 -8.16
C SER C 119 12.24 -31.01 -6.73
N CYS C 120 11.31 -31.90 -6.38
CA CYS C 120 10.63 -31.77 -5.11
C CYS C 120 10.73 -33.07 -4.33
N ASP C 121 10.71 -32.95 -3.00
CA ASP C 121 10.57 -34.11 -2.11
C ASP C 121 9.81 -33.61 -0.89
N PHE C 122 8.49 -33.74 -0.92
CA PHE C 122 7.65 -33.31 0.19
C PHE C 122 7.40 -34.43 1.19
N ASN C 123 7.95 -35.61 0.95
CA ASN C 123 7.82 -36.70 1.89
C ASN C 123 8.82 -36.55 3.03
N ASN C 124 8.40 -36.96 4.23
CA ASN C 124 9.21 -37.01 5.45
C ASN C 124 10.10 -35.77 5.62
N GLY C 125 9.56 -34.62 5.25
CA GLY C 125 10.30 -33.37 5.21
C GLY C 125 10.07 -32.64 3.89
N ILE C 126 10.53 -31.39 3.85
CA ILE C 126 10.38 -30.56 2.66
C ILE C 126 11.77 -30.33 2.07
N THR C 127 11.97 -30.74 0.81
CA THR C 127 13.26 -30.60 0.16
C THR C 127 13.02 -30.24 -1.30
N ILE C 128 13.32 -29.00 -1.68
CA ILE C 128 13.10 -28.50 -3.03
C ILE C 128 14.44 -28.07 -3.60
N GLN C 129 14.78 -28.61 -4.78
CA GLN C 129 16.07 -28.34 -5.40
C GLN C 129 15.85 -27.60 -6.72
N TYR C 130 16.53 -26.46 -6.86
CA TYR C 130 16.51 -25.66 -8.08
C TYR C 130 17.82 -25.89 -8.83
N ASN C 131 17.72 -25.98 -10.16
CA ASN C 131 18.82 -26.56 -10.94
C ASN C 131 19.76 -25.50 -11.51
N LEU C 132 19.30 -24.27 -11.74
CA LEU C 132 20.15 -23.09 -11.66
C LEU C 132 21.34 -23.18 -12.62
N THR C 133 21.11 -23.72 -13.81
CA THR C 133 22.16 -23.88 -14.80
C THR C 133 21.66 -23.46 -16.18
N PHE C 134 22.61 -23.10 -17.04
CA PHE C 134 22.27 -22.69 -18.39
C PHE C 134 21.86 -23.89 -19.22
N SER C 135 20.74 -23.78 -19.91
CA SER C 135 20.22 -24.86 -20.73
C SER C 135 21.09 -25.09 -21.97
N GLN C 141 25.42 -13.30 -22.70
CA GLN C 141 26.06 -12.42 -21.72
C GLN C 141 25.00 -11.60 -20.98
N SER C 142 23.74 -11.78 -21.37
CA SER C 142 22.63 -11.19 -20.63
C SER C 142 22.65 -11.67 -19.18
N GLN C 143 22.75 -12.99 -18.99
CA GLN C 143 22.91 -13.61 -17.67
C GLN C 143 21.73 -13.35 -16.75
N CYS C 144 20.71 -12.64 -17.23
CA CYS C 144 19.51 -12.36 -16.45
C CYS C 144 18.24 -12.96 -17.05
N ARG C 145 18.21 -13.18 -18.36
CA ARG C 145 17.04 -13.74 -19.03
C ARG C 145 16.87 -15.22 -18.76
N THR C 146 17.84 -15.86 -18.12
CA THR C 146 17.74 -17.28 -17.81
C THR C 146 17.01 -17.51 -16.49
N PHE C 147 16.84 -18.79 -16.16
CA PHE C 147 16.23 -19.20 -14.91
C PHE C 147 17.13 -18.87 -13.72
N ARG C 148 18.45 -18.93 -13.94
CA ARG C 148 19.39 -18.52 -12.91
C ARG C 148 19.18 -17.06 -12.52
N GLY C 149 18.97 -16.19 -13.50
CA GLY C 149 18.76 -14.78 -13.20
C GLY C 149 17.57 -14.56 -12.29
N ARG C 150 16.44 -15.20 -12.60
CA ARG C 150 15.23 -14.99 -11.81
C ARG C 150 15.32 -15.67 -10.44
N VAL C 151 15.97 -16.84 -10.36
CA VAL C 151 16.11 -17.49 -9.06
C VAL C 151 17.03 -16.69 -8.15
N LEU C 152 18.14 -16.19 -8.70
CA LEU C 152 18.94 -15.23 -7.95
C LEU C 152 18.14 -13.98 -7.62
N ASP C 153 17.22 -13.55 -8.48
CA ASP C 153 16.43 -12.37 -8.14
C ASP C 153 15.54 -12.64 -6.93
N MET C 154 15.00 -13.85 -6.81
CA MET C 154 14.13 -14.14 -5.68
C MET C 154 14.94 -14.35 -4.40
N PHE C 155 16.06 -15.07 -4.50
CA PHE C 155 16.98 -15.16 -3.35
C PHE C 155 17.44 -13.79 -2.90
N ARG C 156 18.03 -13.03 -3.82
CA ARG C 156 18.28 -11.60 -3.67
C ARG C 156 17.19 -10.86 -2.90
N THR C 157 15.96 -10.85 -3.41
CA THR C 157 14.93 -10.01 -2.81
C THR C 157 14.46 -10.53 -1.47
N ALA C 158 14.67 -11.81 -1.18
CA ALA C 158 14.37 -12.31 0.17
C ALA C 158 15.45 -11.96 1.17
N PHE C 159 16.72 -12.06 0.77
CA PHE C 159 17.83 -12.01 1.72
C PHE C 159 18.70 -10.77 1.62
N GLY C 160 18.36 -9.82 0.75
CA GLY C 160 19.19 -8.65 0.56
C GLY C 160 20.31 -8.91 -0.42
N GLY C 161 21.12 -7.87 -0.64
CA GLY C 161 22.19 -7.95 -1.61
C GLY C 161 23.58 -7.89 -1.02
N LYS C 162 23.74 -8.35 0.22
CA LYS C 162 25.06 -8.29 0.85
C LYS C 162 25.97 -9.39 0.32
N TYR C 163 25.42 -10.56 0.03
CA TYR C 163 26.18 -11.68 -0.52
C TYR C 163 25.74 -11.92 -1.96
N MET C 164 26.53 -12.71 -2.70
CA MET C 164 26.25 -12.98 -4.11
C MET C 164 25.96 -11.77 -4.98
N ARG C 165 26.27 -10.55 -4.52
CA ARG C 165 26.07 -9.35 -5.31
C ARG C 165 27.37 -8.93 -5.99
N SER C 166 27.23 -8.30 -7.17
CA SER C 166 28.34 -7.67 -7.88
C SER C 166 28.59 -6.28 -7.31
N CYS C 167 29.35 -5.44 -8.03
CA CYS C 167 29.56 -4.09 -7.51
C CYS C 167 30.26 -4.03 -6.16
N GLY C 175 32.61 1.58 -14.54
CA GLY C 175 32.29 0.16 -14.51
C GLY C 175 30.81 -0.11 -14.29
N LYS C 176 30.18 -0.74 -15.28
CA LYS C 176 28.76 -1.07 -15.22
C LYS C 176 28.58 -2.56 -14.96
N THR C 177 27.72 -2.89 -14.02
CA THR C 177 27.44 -4.26 -13.63
C THR C 177 26.00 -4.62 -13.99
N THR C 178 25.80 -5.85 -14.46
CA THR C 178 24.49 -6.36 -14.82
C THR C 178 23.51 -6.23 -13.65
N TRP C 179 22.22 -6.26 -13.98
CA TRP C 179 21.20 -6.07 -12.96
C TRP C 179 21.16 -7.27 -12.01
N CYS C 180 20.78 -8.44 -12.51
CA CYS C 180 20.62 -9.62 -11.67
C CYS C 180 21.93 -10.01 -11.02
N SER C 181 21.83 -10.70 -9.88
CA SER C 181 23.00 -11.10 -9.13
C SER C 181 23.77 -12.18 -9.86
N GLN C 182 25.02 -12.38 -9.45
CA GLN C 182 25.93 -13.34 -10.06
C GLN C 182 26.23 -14.47 -9.08
N THR C 183 26.35 -15.68 -9.63
CA THR C 183 26.58 -16.88 -8.82
C THR C 183 27.52 -17.82 -9.55
N SER C 184 28.34 -18.51 -8.76
CA SER C 184 29.26 -19.51 -9.28
C SER C 184 28.84 -20.93 -8.96
N TYR C 185 27.69 -21.12 -8.30
CA TYR C 185 27.18 -22.45 -8.04
C TYR C 185 26.15 -22.81 -9.12
N GLN C 186 25.65 -24.04 -9.05
CA GLN C 186 24.67 -24.48 -10.04
C GLN C 186 23.53 -25.27 -9.40
N TYR C 187 23.23 -25.01 -8.12
CA TYR C 187 22.22 -25.73 -7.37
C TYR C 187 21.74 -24.84 -6.23
N LEU C 188 20.48 -25.03 -5.84
CA LEU C 188 19.93 -24.31 -4.68
C LEU C 188 18.94 -25.23 -3.98
N ILE C 189 19.28 -25.69 -2.77
CA ILE C 189 18.47 -26.68 -2.07
C ILE C 189 17.84 -26.03 -0.85
N ILE C 190 16.52 -26.07 -0.77
CA ILE C 190 15.77 -25.57 0.38
C ILE C 190 15.23 -26.78 1.14
N GLN C 191 15.68 -26.95 2.37
CA GLN C 191 15.26 -28.06 3.23
C GLN C 191 14.72 -27.50 4.54
N ASN C 192 14.18 -28.38 5.37
CA ASN C 192 13.75 -28.00 6.71
C ASN C 192 14.82 -28.33 7.73
N ARG C 193 15.03 -27.41 8.67
CA ARG C 193 16.04 -27.61 9.71
C ARG C 193 15.53 -27.04 11.02
N THR C 194 15.67 -27.80 12.11
CA THR C 194 15.21 -27.35 13.40
C THR C 194 16.14 -26.28 13.96
N TRP C 195 15.64 -25.03 14.00
CA TRP C 195 16.45 -23.86 14.31
C TRP C 195 17.30 -24.06 15.57
N GLU C 196 18.57 -23.67 15.49
CA GLU C 196 19.50 -23.79 16.61
C GLU C 196 20.34 -22.53 16.76
N ASN C 197 19.79 -21.37 16.40
CA ASN C 197 20.50 -20.09 16.48
C ASN C 197 21.79 -20.13 15.68
N HIS C 198 21.67 -20.44 14.39
CA HIS C 198 22.85 -20.53 13.53
C HIS C 198 23.41 -19.17 13.18
N CYS C 199 22.54 -18.20 12.84
CA CYS C 199 22.99 -16.87 12.46
C CYS C 199 22.61 -15.88 13.54
N THR C 200 22.85 -14.60 13.27
CA THR C 200 22.31 -13.53 14.09
C THR C 200 20.94 -13.14 13.55
N TYR C 201 19.97 -13.05 14.47
CA TYR C 201 18.60 -12.75 14.06
C TYR C 201 18.53 -11.40 13.33
N ALA C 202 17.78 -11.38 12.23
CA ALA C 202 17.66 -10.18 11.40
C ALA C 202 16.29 -9.52 11.51
N GLY C 203 15.22 -10.28 11.33
CA GLY C 203 13.88 -9.75 11.42
C GLY C 203 13.01 -10.15 10.26
N PRO C 204 11.77 -9.69 10.27
CA PRO C 204 10.82 -10.07 9.20
C PRO C 204 10.86 -9.15 7.98
N PHE C 205 11.91 -8.34 7.84
CA PHE C 205 11.97 -7.38 6.75
C PHE C 205 12.12 -8.07 5.40
N GLY C 206 12.97 -9.10 5.33
CA GLY C 206 13.10 -9.85 4.09
C GLY C 206 11.82 -10.55 3.70
N MET C 207 11.13 -11.15 4.67
CA MET C 207 9.84 -11.76 4.39
C MET C 207 8.81 -10.73 3.96
N SER C 208 8.88 -9.52 4.53
CA SER C 208 8.00 -8.45 4.07
C SER C 208 8.27 -8.07 2.63
N ARG C 209 9.56 -7.98 2.26
CA ARG C 209 9.90 -7.71 0.86
C ARG C 209 9.39 -8.81 -0.06
N ILE C 210 9.45 -10.06 0.41
CA ILE C 210 8.90 -11.16 -0.37
C ILE C 210 7.40 -11.00 -0.53
N LEU C 211 6.71 -10.63 0.55
CA LEU C 211 5.25 -10.48 0.49
C LEU C 211 4.84 -9.38 -0.47
N LEU C 212 5.54 -8.24 -0.44
CA LEU C 212 5.20 -7.15 -1.35
C LEU C 212 5.46 -7.53 -2.80
N SER C 213 6.61 -8.14 -3.08
CA SER C 213 6.99 -8.50 -4.44
C SER C 213 6.56 -9.94 -4.70
N GLN C 214 5.24 -10.12 -4.84
CA GLN C 214 4.65 -11.43 -5.10
C GLN C 214 3.68 -11.32 -6.27
N GLU C 215 3.87 -12.15 -7.28
CA GLU C 215 3.03 -12.20 -8.47
C GLU C 215 2.96 -10.83 -9.16
N LYS C 216 4.12 -10.36 -9.61
CA LYS C 216 4.23 -9.08 -10.29
C LYS C 216 4.79 -9.25 -11.69
N TRP D 5 -0.94 4.92 21.42
CA TRP D 5 -0.97 3.97 20.31
C TRP D 5 -0.43 2.62 20.74
N THR D 6 0.00 2.54 22.00
CA THR D 6 0.59 1.30 22.51
C THR D 6 -0.48 0.23 22.66
N LEU D 7 -0.19 -0.97 22.16
CA LEU D 7 -1.09 -2.10 22.26
C LEU D 7 -0.99 -2.82 23.59
N SER D 8 0.00 -2.51 24.42
CA SER D 8 0.17 -3.16 25.71
C SER D 8 0.06 -2.15 26.84
N TYR D 19 6.42 4.71 28.18
CA TYR D 19 6.91 3.55 27.44
C TYR D 19 8.34 3.75 26.96
N CYS D 20 9.21 2.81 27.33
CA CYS D 20 10.58 2.80 26.83
C CYS D 20 11.15 1.39 26.97
N LEU D 21 12.26 1.16 26.27
CA LEU D 21 12.79 -0.18 26.08
C LEU D 21 13.31 -0.75 27.40
N THR D 22 13.77 -2.01 27.33
CA THR D 22 14.24 -2.73 28.51
C THR D 22 15.54 -3.46 28.18
N LYS D 23 15.95 -4.38 29.07
CA LYS D 23 17.25 -5.01 28.95
C LYS D 23 17.31 -5.98 27.77
N TRP D 24 16.30 -6.85 27.63
CA TRP D 24 16.38 -7.90 26.61
C TRP D 24 16.24 -7.36 25.19
N MET D 25 15.67 -6.17 25.01
CA MET D 25 15.55 -5.62 23.67
C MET D 25 16.85 -4.97 23.20
N ILE D 26 17.67 -4.48 24.11
CA ILE D 26 18.94 -3.86 23.77
C ILE D 26 20.03 -4.93 23.80
N LEU D 27 20.81 -5.00 22.72
CA LEU D 27 21.82 -6.05 22.60
C LEU D 27 23.14 -5.64 23.21
N ALA D 28 23.52 -4.36 23.10
CA ALA D 28 24.83 -3.90 23.51
C ALA D 28 24.90 -3.54 24.99
N ALA D 29 24.12 -2.57 25.42
CA ALA D 29 24.18 -2.10 26.80
C ALA D 29 23.21 -2.90 27.68
N GLU D 30 23.33 -2.69 28.99
CA GLU D 30 22.47 -3.41 29.93
C GLU D 30 21.03 -2.91 29.85
N LEU D 31 20.83 -1.59 29.78
CA LEU D 31 19.50 -1.03 29.66
C LEU D 31 19.58 0.46 29.33
N LYS D 32 18.84 0.87 28.30
CA LYS D 32 18.64 2.28 27.99
C LYS D 32 17.27 2.43 27.36
N CYS D 33 16.68 3.61 27.54
CA CYS D 33 15.37 3.87 26.95
C CYS D 33 15.14 5.38 26.87
N PHE D 34 14.03 5.75 26.24
CA PHE D 34 13.81 7.09 25.72
C PHE D 34 12.75 7.82 26.53
N GLY D 35 12.42 9.03 26.06
CA GLY D 35 11.41 9.85 26.68
C GLY D 35 10.06 9.73 26.00
N ASN D 36 9.17 10.66 26.35
CA ASN D 36 7.80 10.62 25.84
C ASN D 36 7.67 11.24 24.45
N THR D 37 8.62 12.11 24.07
CA THR D 37 8.49 12.80 22.78
C THR D 37 8.64 11.82 21.60
N ALA D 38 9.52 10.84 21.71
CA ALA D 38 9.74 9.91 20.61
C ALA D 38 8.51 9.02 20.40
N VAL D 39 7.98 8.44 21.48
CA VAL D 39 6.79 7.60 21.36
C VAL D 39 5.58 8.44 20.95
N ALA D 40 5.50 9.69 21.39
CA ALA D 40 4.40 10.56 20.97
C ALA D 40 4.54 10.97 19.50
N LYS D 41 5.76 10.98 18.97
CA LYS D 41 5.95 11.30 17.56
C LYS D 41 5.78 10.11 16.65
N CYS D 42 6.01 8.89 17.13
CA CYS D 42 5.79 7.68 16.35
C CYS D 42 4.33 7.24 16.34
N ASN D 43 3.42 8.14 16.01
CA ASN D 43 2.01 7.81 15.85
C ASN D 43 1.69 7.76 14.37
N VAL D 44 1.88 6.58 13.78
CA VAL D 44 1.82 6.41 12.33
C VAL D 44 2.80 7.40 11.71
N ASN D 45 4.09 7.16 11.93
CA ASN D 45 5.17 7.95 11.35
C ASN D 45 5.99 7.01 10.48
N HIS D 46 6.11 7.34 9.19
CA HIS D 46 6.73 6.46 8.22
C HIS D 46 7.79 7.17 7.39
N ASP D 47 8.36 8.24 7.94
CA ASP D 47 9.60 8.80 7.46
C ASP D 47 10.80 8.33 8.25
N GLU D 48 10.60 7.43 9.22
CA GLU D 48 11.66 6.97 10.11
C GLU D 48 11.53 5.48 10.32
N GLU D 49 12.68 4.82 10.54
CA GLU D 49 12.70 3.38 10.77
C GLU D 49 12.57 3.02 12.25
N PHE D 50 12.97 3.91 13.14
CA PHE D 50 12.86 3.65 14.57
C PHE D 50 11.41 3.49 14.99
N CYS D 51 10.50 4.24 14.38
CA CYS D 51 9.09 4.08 14.69
C CYS D 51 8.58 2.71 14.28
N ASP D 52 9.04 2.21 13.14
CA ASP D 52 8.66 0.85 12.71
C ASP D 52 9.22 -0.18 13.68
N MET D 53 10.46 0.01 14.14
CA MET D 53 11.03 -0.91 15.13
C MET D 53 10.23 -0.90 16.42
N LEU D 54 9.83 0.29 16.88
CA LEU D 54 9.02 0.39 18.09
C LEU D 54 7.67 -0.29 17.90
N ARG D 55 7.06 -0.13 16.72
CA ARG D 55 5.79 -0.79 16.44
C ARG D 55 5.95 -2.30 16.48
N LEU D 56 7.03 -2.82 15.89
CA LEU D 56 7.28 -4.26 15.90
C LEU D 56 7.44 -4.78 17.32
N ILE D 57 8.26 -4.09 18.13
CA ILE D 57 8.50 -4.52 19.50
C ILE D 57 7.21 -4.47 20.30
N ASP D 58 6.43 -3.42 20.13
CA ASP D 58 5.16 -3.29 20.85
C ASP D 58 4.19 -4.40 20.46
N TYR D 59 4.10 -4.71 19.17
CA TYR D 59 3.23 -5.79 18.73
C TYR D 59 3.65 -7.12 19.32
N ASN D 60 4.96 -7.39 19.33
CA ASN D 60 5.45 -8.64 19.90
C ASN D 60 5.15 -8.72 21.39
N LYS D 61 5.39 -7.63 22.12
CA LYS D 61 5.13 -7.61 23.56
C LYS D 61 3.65 -7.81 23.86
N ALA D 62 2.78 -7.17 23.07
CA ALA D 62 1.35 -7.30 23.32
C ALA D 62 0.83 -8.68 22.92
N ALA D 63 1.40 -9.29 21.89
CA ALA D 63 0.94 -10.60 21.46
C ALA D 63 1.43 -11.70 22.40
N LEU D 64 2.63 -11.55 22.97
CA LEU D 64 3.15 -12.59 23.86
C LEU D 64 2.41 -12.63 25.18
N SER D 65 1.89 -11.49 25.64
CA SER D 65 1.27 -11.40 26.96
C SER D 65 -0.23 -11.66 26.94
N LYS D 66 -0.81 -11.89 25.77
CA LYS D 66 -2.26 -12.12 25.66
C LYS D 66 -2.64 -13.40 24.94
N PHE D 67 -1.74 -14.02 24.17
CA PHE D 67 -2.06 -15.20 23.39
C PHE D 67 -1.08 -16.31 23.70
N LYS D 68 -1.58 -17.54 23.69
CA LYS D 68 -0.71 -18.70 23.88
C LYS D 68 0.20 -18.85 22.66
N PRO D 69 1.38 -19.44 22.85
CA PRO D 69 2.30 -19.64 21.72
C PRO D 69 1.67 -20.48 20.62
N ASP D 70 1.77 -20.00 19.39
CA ASP D 70 1.27 -20.71 18.21
C ASP D 70 1.95 -20.13 16.98
N VAL D 71 2.64 -20.97 16.23
CA VAL D 71 3.45 -20.50 15.12
C VAL D 71 2.60 -20.15 13.91
N GLU D 72 1.70 -21.06 13.53
CA GLU D 72 0.88 -20.85 12.33
C GLU D 72 -0.02 -19.63 12.48
N SER D 73 -0.69 -19.51 13.63
CA SER D 73 -1.57 -18.38 13.85
C SER D 73 -0.81 -17.06 13.89
N ALA D 74 0.37 -17.06 14.51
CA ALA D 74 1.18 -15.86 14.54
C ALA D 74 1.61 -15.45 13.13
N LEU D 75 2.02 -16.42 12.32
CA LEU D 75 2.38 -16.11 10.94
C LEU D 75 1.19 -15.57 10.16
N HIS D 76 0.01 -16.16 10.37
CA HIS D 76 -1.18 -15.68 9.68
C HIS D 76 -1.51 -14.24 10.06
N LEU D 77 -1.46 -13.94 11.37
CA LEU D 77 -1.77 -12.59 11.82
C LEU D 77 -0.72 -11.59 11.34
N PHE D 78 0.55 -12.01 11.28
CA PHE D 78 1.58 -11.13 10.74
C PHE D 78 1.35 -10.85 9.26
N LYS D 79 1.02 -11.88 8.49
CA LYS D 79 0.76 -11.69 7.07
C LYS D 79 -0.44 -10.79 6.83
N THR D 80 -1.48 -10.94 7.65
CA THR D 80 -2.67 -10.10 7.50
C THR D 80 -2.35 -8.64 7.83
N THR D 81 -1.59 -8.40 8.90
CA THR D 81 -1.32 -7.06 9.39
C THR D 81 0.15 -6.69 9.25
N VAL D 82 0.78 -7.10 8.16
CA VAL D 82 2.17 -6.71 7.92
C VAL D 82 2.27 -5.23 7.60
N ASN D 83 1.29 -4.68 6.87
CA ASN D 83 1.33 -3.27 6.51
C ASN D 83 1.11 -2.37 7.72
N SER D 84 0.43 -2.87 8.74
CA SER D 84 0.16 -2.06 9.93
C SER D 84 1.38 -1.85 10.80
N LEU D 85 2.47 -2.57 10.54
CA LEU D 85 3.65 -2.54 11.41
C LEU D 85 4.89 -2.03 10.70
N ILE D 86 5.23 -2.60 9.54
CA ILE D 86 6.44 -2.25 8.81
C ILE D 86 6.09 -1.30 7.69
N SER D 87 6.78 -0.17 7.63
CA SER D 87 6.60 0.78 6.54
C SER D 87 7.09 0.17 5.24
N ASP D 88 6.17 -0.06 4.30
CA ASP D 88 6.51 -0.73 3.06
C ASP D 88 7.49 0.10 2.22
N GLN D 89 7.22 1.40 2.09
CA GLN D 89 8.01 2.24 1.20
C GLN D 89 9.40 2.51 1.77
N LEU D 90 9.50 2.66 3.09
CA LEU D 90 10.82 2.80 3.70
C LEU D 90 11.64 1.54 3.48
N LEU D 91 11.00 0.37 3.62
CA LEU D 91 11.68 -0.90 3.39
C LEU D 91 12.18 -0.99 1.95
N MET D 92 11.33 -0.61 0.99
CA MET D 92 11.74 -0.70 -0.40
C MET D 92 12.78 0.35 -0.77
N ARG D 93 12.76 1.53 -0.16
CA ARG D 93 13.81 2.50 -0.44
C ARG D 93 15.14 2.02 0.13
N ASN D 94 15.13 1.47 1.35
CA ASN D 94 16.36 0.93 1.92
C ASN D 94 16.88 -0.22 1.07
N HIS D 95 15.98 -1.05 0.54
CA HIS D 95 16.38 -2.05 -0.45
C HIS D 95 17.06 -1.41 -1.64
N LEU D 96 16.41 -0.40 -2.25
CA LEU D 96 16.97 0.24 -3.45
C LEU D 96 18.34 0.85 -3.15
N ARG D 97 18.53 1.36 -1.94
CA ARG D 97 19.84 1.88 -1.55
C ARG D 97 20.86 0.77 -1.46
N ASP D 98 20.48 -0.37 -0.87
CA ASP D 98 21.38 -1.52 -0.84
C ASP D 98 21.72 -1.98 -2.25
N LEU D 99 20.78 -1.83 -3.19
CA LEU D 99 20.95 -2.37 -4.54
C LEU D 99 22.10 -1.73 -5.29
N MET D 100 22.24 -0.41 -5.20
CA MET D 100 23.12 0.34 -6.08
C MET D 100 24.44 0.71 -5.42
N CYS D 101 24.93 -0.10 -4.50
CA CYS D 101 26.18 0.22 -3.81
C CYS D 101 26.09 1.56 -3.10
N VAL D 102 25.03 1.73 -2.32
CA VAL D 102 24.77 2.97 -1.57
C VAL D 102 24.58 2.62 -0.10
N PRO D 103 25.11 3.42 0.83
CA PRO D 103 24.87 3.14 2.27
C PRO D 103 23.39 3.13 2.59
N TYR D 104 22.93 2.02 3.17
CA TYR D 104 21.52 1.80 3.45
C TYR D 104 21.34 1.47 4.93
N CYS D 105 20.07 1.34 5.33
CA CYS D 105 19.70 0.97 6.69
C CYS D 105 19.30 -0.49 6.72
N ASN D 106 19.97 -1.27 7.56
CA ASN D 106 19.64 -2.68 7.74
C ASN D 106 19.02 -2.96 9.11
N TYR D 107 18.46 -1.92 9.74
CA TYR D 107 17.55 -2.04 10.88
C TYR D 107 18.24 -2.54 12.15
N SER D 108 19.57 -2.41 12.23
CA SER D 108 20.29 -2.91 13.40
C SER D 108 20.64 -1.80 14.38
N LYS D 109 21.36 -0.77 13.93
CA LYS D 109 21.90 0.25 14.82
C LYS D 109 21.23 1.58 14.54
N PHE D 110 20.81 2.27 15.60
CA PHE D 110 20.22 3.59 15.50
C PHE D 110 20.96 4.54 16.43
N TRP D 111 21.13 5.78 15.98
CA TRP D 111 21.86 6.79 16.74
C TRP D 111 20.99 8.02 16.94
N TYR D 112 21.15 8.67 18.09
CA TYR D 112 20.35 9.83 18.45
C TYR D 112 21.15 10.73 19.38
N LEU D 113 20.58 11.89 19.66
CA LEU D 113 21.14 12.85 20.61
C LEU D 113 20.12 13.09 21.72
N GLU D 114 20.59 13.13 22.96
CA GLU D 114 19.74 13.36 24.11
C GLU D 114 20.29 14.49 24.96
N HIS D 115 19.42 15.11 25.74
CA HIS D 115 19.86 16.14 26.67
C HIS D 115 20.62 15.51 27.82
N ALA D 116 21.64 16.23 28.31
CA ALA D 116 22.49 15.70 29.37
C ALA D 116 21.72 15.56 30.69
N LYS D 117 20.84 16.51 31.00
CA LYS D 117 20.18 16.55 32.30
C LYS D 117 18.71 16.12 32.25
N THR D 118 17.92 16.77 31.40
CA THR D 118 16.48 16.52 31.42
C THR D 118 16.10 15.31 30.58
N GLY D 119 17.07 14.68 29.94
CA GLY D 119 16.81 13.51 29.12
C GLY D 119 15.96 13.76 27.90
N GLU D 120 16.01 14.96 27.33
CA GLU D 120 15.26 15.28 26.12
C GLU D 120 15.91 14.60 24.93
N THR D 121 15.32 13.48 24.50
CA THR D 121 15.86 12.69 23.40
C THR D 121 15.20 13.08 22.08
N SER D 122 15.88 12.76 20.99
CA SER D 122 15.35 12.97 19.65
C SER D 122 14.94 11.62 19.06
N VAL D 123 14.50 11.66 17.79
CA VAL D 123 14.13 10.44 17.08
C VAL D 123 15.40 9.81 16.53
N PRO D 124 15.74 8.59 16.94
CA PRO D 124 16.99 7.97 16.49
C PRO D 124 16.99 7.71 14.99
N LYS D 125 17.97 8.30 14.30
CA LYS D 125 18.20 8.00 12.90
C LYS D 125 18.92 6.67 12.77
N CYS D 126 18.69 5.99 11.65
CA CYS D 126 19.34 4.72 11.41
C CYS D 126 20.82 4.92 11.09
N TRP D 127 21.64 3.97 11.56
CA TRP D 127 23.08 3.98 11.28
C TRP D 127 23.30 3.27 9.95
N LEU D 128 23.66 4.03 8.92
CA LEU D 128 23.81 3.46 7.59
C LEU D 128 24.99 2.49 7.55
N VAL D 129 24.86 1.47 6.69
CA VAL D 129 25.86 0.43 6.55
C VAL D 129 26.18 0.26 5.07
N THR D 130 27.47 0.09 4.76
CA THR D 130 27.90 -0.14 3.39
C THR D 130 29.12 -1.06 3.40
N ASN D 131 29.20 -1.91 2.38
CA ASN D 131 30.30 -2.86 2.22
C ASN D 131 30.47 -3.72 3.48
N GLY D 132 29.34 -4.11 4.07
CA GLY D 132 29.37 -4.92 5.27
C GLY D 132 30.02 -4.26 6.46
N ALA D 133 29.86 -2.94 6.60
CA ALA D 133 30.47 -2.22 7.71
C ALA D 133 29.70 -0.93 7.94
N TYR D 134 29.57 -0.54 9.20
CA TYR D 134 28.86 0.68 9.54
C TYR D 134 29.62 1.91 9.05
N LEU D 135 28.88 2.96 8.71
CA LEU D 135 29.49 4.21 8.31
C LEU D 135 30.24 4.84 9.47
N ASN D 136 31.35 5.50 9.17
CA ASN D 136 32.12 6.18 10.18
C ASN D 136 31.38 7.43 10.66
N GLU D 137 31.70 7.87 11.88
CA GLU D 137 31.01 9.01 12.47
C GLU D 137 31.26 10.28 11.68
N THR D 138 32.38 10.39 10.97
CA THR D 138 32.70 11.59 10.21
C THR D 138 31.97 11.65 8.87
N HIS D 139 31.36 10.56 8.42
CA HIS D 139 30.69 10.58 7.13
C HIS D 139 29.34 11.29 7.19
N PHE D 140 28.63 11.18 8.32
CA PHE D 140 27.32 11.81 8.47
C PHE D 140 27.30 12.83 9.60
N SER D 141 28.43 13.51 9.82
CA SER D 141 28.48 14.52 10.87
C SER D 141 27.58 15.70 10.54
N ASP D 142 27.39 16.00 9.25
CA ASP D 142 26.50 17.09 8.86
C ASP D 142 25.07 16.83 9.29
N GLN D 143 24.61 15.58 9.14
CA GLN D 143 23.28 15.23 9.61
C GLN D 143 23.15 15.41 11.11
N ILE D 144 24.19 15.02 11.85
CA ILE D 144 24.16 15.17 13.30
C ILE D 144 24.08 16.64 13.69
N GLU D 145 24.88 17.49 13.02
CA GLU D 145 24.83 18.93 13.31
C GLU D 145 23.47 19.51 12.97
N GLN D 146 22.89 19.12 11.84
CA GLN D 146 21.58 19.64 11.46
C GLN D 146 20.51 19.21 12.46
N GLU D 147 20.55 17.96 12.91
CA GLU D 147 19.59 17.49 13.90
C GLU D 147 19.78 18.20 15.23
N ALA D 148 21.03 18.45 15.63
CA ALA D 148 21.27 19.21 16.85
C ALA D 148 20.69 20.61 16.74
N ASP D 149 20.89 21.26 15.59
CA ASP D 149 20.36 22.61 15.41
C ASP D 149 18.83 22.62 15.48
N ASN D 150 18.18 21.72 14.74
CA ASN D 150 16.72 21.76 14.73
C ASN D 150 16.14 21.35 16.08
N MET D 151 16.81 20.43 16.78
CA MET D 151 16.37 20.05 18.12
C MET D 151 16.52 21.20 19.11
N ILE D 152 17.61 21.96 19.01
CA ILE D 152 17.78 23.08 19.92
C ILE D 152 16.76 24.19 19.62
N THR D 153 16.43 24.38 18.33
CA THR D 153 15.39 25.33 17.99
C THR D 153 14.04 24.89 18.54
N GLU D 154 13.71 23.60 18.41
CA GLU D 154 12.48 23.08 18.99
C GLU D 154 12.47 23.24 20.50
N MET D 155 13.62 23.01 21.14
CA MET D 155 13.71 23.14 22.60
C MET D 155 13.48 24.58 23.05
N LEU D 156 14.10 25.54 22.36
CA LEU D 156 13.87 26.94 22.72
C LEU D 156 12.43 27.36 22.45
N ARG D 157 11.83 26.85 21.37
CA ARG D 157 10.43 27.15 21.09
C ARG D 157 9.54 26.60 22.19
N LYS D 158 9.81 25.37 22.65
CA LYS D 158 9.02 24.80 23.73
C LYS D 158 9.24 25.54 25.04
N ASP D 159 10.45 26.04 25.28
CA ASP D 159 10.69 26.85 26.46
C ASP D 159 9.90 28.16 26.41
N TYR D 160 9.83 28.77 25.23
CA TYR D 160 9.11 30.04 25.09
C TYR D 160 7.62 29.88 25.39
N ILE D 161 6.92 29.11 24.53
CA ILE D 161 5.46 28.95 24.55
C ILE D 161 4.71 30.15 25.11
N ILE E 27 5.18 37.81 -11.25
CA ILE E 27 5.59 38.30 -9.94
C ILE E 27 4.39 38.28 -8.98
N TYR E 28 4.66 38.03 -7.71
CA TYR E 28 3.62 37.99 -6.69
C TYR E 28 4.16 38.59 -5.40
N LYS E 29 3.35 39.45 -4.77
CA LYS E 29 3.71 40.17 -3.55
C LYS E 29 4.91 41.09 -3.75
N GLY E 30 5.30 41.35 -4.99
CA GLY E 30 6.40 42.24 -5.28
C GLY E 30 7.78 41.70 -4.97
N VAL E 31 7.88 40.46 -4.49
CA VAL E 31 9.16 39.87 -4.12
C VAL E 31 9.43 38.57 -4.86
N TYR E 32 8.48 37.64 -4.82
CA TYR E 32 8.64 36.34 -5.45
C TYR E 32 8.12 36.36 -6.88
N GLN E 33 8.66 35.48 -7.71
CA GLN E 33 8.34 35.44 -9.13
C GLN E 33 7.63 34.14 -9.45
N PHE E 34 6.56 34.24 -10.24
CA PHE E 34 5.77 33.09 -10.68
C PHE E 34 6.39 32.51 -11.94
N LYS E 35 6.69 31.21 -11.91
CA LYS E 35 7.16 30.50 -13.09
C LYS E 35 6.79 29.03 -12.94
N SER E 36 6.84 28.32 -14.07
CA SER E 36 6.40 26.94 -14.15
C SER E 36 7.55 26.02 -14.55
N VAL E 37 7.34 24.73 -14.32
CA VAL E 37 8.28 23.68 -14.72
C VAL E 37 7.55 22.83 -15.76
N GLU E 38 8.27 22.38 -16.78
CA GLU E 38 7.72 21.41 -17.72
C GLU E 38 8.69 20.24 -17.83
N PHE E 39 8.18 19.04 -17.59
CA PHE E 39 9.01 17.83 -17.56
C PHE E 39 8.95 17.13 -18.90
N ASP E 40 10.08 16.54 -19.29
CA ASP E 40 10.19 15.72 -20.49
C ASP E 40 10.36 14.28 -20.02
N MET E 41 9.53 13.38 -20.55
CA MET E 41 9.57 11.96 -20.23
C MET E 41 10.28 11.12 -21.28
N SER E 42 11.01 11.73 -22.20
CA SER E 42 11.70 10.96 -23.22
C SER E 42 12.83 10.13 -22.63
N HIS E 43 13.54 10.67 -21.63
CA HIS E 43 14.66 9.96 -21.03
C HIS E 43 14.19 8.88 -20.06
N LEU E 44 12.95 8.95 -19.58
CA LEU E 44 12.39 7.89 -18.73
C LEU E 44 11.85 6.74 -19.57
N ASN E 45 12.75 6.13 -20.34
CA ASN E 45 12.37 5.14 -21.35
C ASN E 45 13.07 3.81 -21.15
N LEU E 46 14.37 3.83 -20.83
CA LEU E 46 15.14 2.60 -20.69
C LEU E 46 14.86 1.89 -19.38
N THR E 47 14.32 2.59 -18.39
CA THR E 47 14.06 2.02 -17.07
C THR E 47 12.58 1.99 -16.70
N MET E 48 11.74 2.76 -17.39
CA MET E 48 10.34 2.91 -17.01
C MET E 48 9.45 2.74 -18.22
N PRO E 49 8.27 2.15 -18.05
CA PRO E 49 7.32 2.06 -19.15
C PRO E 49 6.66 3.40 -19.44
N ASN E 50 6.05 3.48 -20.62
CA ASN E 50 5.37 4.69 -21.06
C ASN E 50 4.03 4.29 -21.69
N ALA E 51 2.98 5.03 -21.36
CA ALA E 51 1.62 4.70 -21.78
C ALA E 51 0.95 5.97 -22.27
N CYS E 52 0.50 5.98 -23.53
CA CYS E 52 -0.04 7.19 -24.11
C CYS E 52 -1.04 6.86 -25.20
N SER E 53 -1.61 7.92 -25.78
CA SER E 53 -2.46 7.82 -26.96
C SER E 53 -2.05 8.88 -27.95
N ALA E 54 -1.86 8.49 -29.21
CA ALA E 54 -1.60 9.47 -30.26
C ALA E 54 -2.86 10.26 -30.57
N ASN E 55 -3.99 9.58 -30.70
CA ASN E 55 -5.28 10.21 -30.94
C ASN E 55 -6.38 9.26 -30.47
N ASN E 56 -7.61 9.52 -30.91
CA ASN E 56 -8.76 8.74 -30.48
C ASN E 56 -8.59 7.27 -30.84
N SER E 57 -8.06 7.01 -32.04
CA SER E 57 -7.84 5.65 -32.49
C SER E 57 -6.69 4.94 -31.78
N HIS E 58 -5.47 5.44 -31.91
CA HIS E 58 -4.28 4.68 -31.59
C HIS E 58 -3.76 4.99 -30.19
N HIS E 59 -3.22 3.96 -29.54
CA HIS E 59 -2.62 4.06 -28.21
C HIS E 59 -1.33 3.28 -28.23
N TYR E 60 -0.39 3.66 -27.37
CA TYR E 60 0.92 3.03 -27.38
C TYR E 60 1.42 2.78 -25.96
N ILE E 61 2.12 1.66 -25.79
CA ILE E 61 2.80 1.31 -24.54
C ILE E 61 4.23 0.93 -24.91
N SER E 62 5.19 1.77 -24.55
CA SER E 62 6.58 1.58 -24.95
C SER E 62 7.46 1.42 -23.72
N MET E 63 8.24 0.34 -23.70
CA MET E 63 9.26 0.12 -22.69
C MET E 63 10.59 -0.06 -23.40
N GLY E 64 11.51 0.88 -23.18
CA GLY E 64 12.78 0.86 -23.88
C GLY E 64 12.59 0.96 -25.38
N THR E 65 13.17 0.02 -26.12
CA THR E 65 13.00 -0.05 -27.56
C THR E 65 11.84 -0.95 -27.99
N SER E 66 11.04 -1.42 -27.04
CA SER E 66 9.93 -2.31 -27.37
C SER E 66 8.61 -1.58 -27.22
N GLY E 67 7.65 -1.93 -28.07
CA GLY E 67 6.39 -1.21 -28.07
C GLY E 67 5.22 -2.09 -28.39
N LEU E 68 4.06 -1.68 -27.88
CA LEU E 68 2.78 -2.30 -28.17
C LEU E 68 1.80 -1.24 -28.64
N GLU E 69 1.16 -1.52 -29.77
CA GLU E 69 0.18 -0.65 -30.39
C GLU E 69 -1.22 -1.19 -30.14
N LEU E 70 -2.05 -0.39 -29.46
CA LEU E 70 -3.44 -0.71 -29.22
C LEU E 70 -4.27 0.14 -30.16
N THR E 71 -4.82 -0.48 -31.20
CA THR E 71 -5.62 0.21 -32.20
C THR E 71 -7.09 -0.13 -32.04
N PHE E 72 -7.92 0.90 -32.12
CA PHE E 72 -9.37 0.75 -32.08
C PHE E 72 -9.96 0.72 -33.50
N THR E 73 -9.49 -0.24 -34.30
CA THR E 73 -10.10 -0.48 -35.59
C THR E 73 -11.55 -0.93 -35.41
N ASN E 74 -12.35 -0.72 -36.45
CA ASN E 74 -13.75 -1.11 -36.63
C ASN E 74 -13.78 -2.29 -37.62
N ASP E 75 -12.60 -2.80 -38.02
CA ASP E 75 -12.50 -4.01 -38.83
C ASP E 75 -11.70 -5.06 -38.07
N SER E 76 -12.10 -6.32 -38.26
CA SER E 76 -11.40 -7.46 -37.68
C SER E 76 -10.47 -8.10 -38.70
N ILE E 77 -9.42 -8.72 -38.18
CA ILE E 77 -8.34 -9.27 -38.99
C ILE E 77 -8.12 -10.74 -38.63
N ILE E 78 -8.65 -11.16 -37.48
CA ILE E 78 -8.50 -12.52 -36.98
C ILE E 78 -9.89 -13.06 -36.65
N SER E 79 -10.13 -14.32 -37.00
CA SER E 79 -11.42 -14.95 -36.73
C SER E 79 -11.29 -16.31 -36.04
N HIS E 80 -10.19 -16.57 -35.34
CA HIS E 80 -10.01 -17.85 -34.67
C HIS E 80 -11.02 -18.06 -33.56
N ASN E 81 -11.26 -17.01 -32.76
CA ASN E 81 -12.11 -17.06 -31.56
C ASN E 81 -11.70 -18.16 -30.58
N PHE E 82 -10.42 -18.54 -30.57
CA PHE E 82 -9.93 -19.54 -29.64
C PHE E 82 -8.40 -19.47 -29.64
N CYS E 83 -7.81 -19.35 -28.45
CA CYS E 83 -6.37 -19.19 -28.35
C CYS E 83 -5.85 -19.69 -27.01
N ASN E 84 -4.61 -20.15 -27.01
CA ASN E 84 -3.97 -20.71 -25.83
C ASN E 84 -2.92 -19.75 -25.31
N LEU E 85 -3.09 -19.30 -24.07
CA LEU E 85 -2.20 -18.31 -23.48
C LEU E 85 -0.78 -18.83 -23.31
N THR E 86 -0.60 -20.15 -23.29
CA THR E 86 0.72 -20.78 -23.29
C THR E 86 1.55 -20.45 -24.54
N ASP E 95 9.58 -11.15 -26.92
CA ASP E 95 10.36 -10.94 -25.71
C ASP E 95 9.48 -11.04 -24.46
N HIS E 96 10.12 -11.14 -23.30
CA HIS E 96 9.39 -11.27 -22.05
C HIS E 96 8.75 -9.96 -21.59
N THR E 97 9.33 -8.82 -21.95
CA THR E 97 8.79 -7.54 -21.51
C THR E 97 7.39 -7.31 -22.07
N LEU E 98 7.21 -7.51 -23.37
CA LEU E 98 5.91 -7.25 -23.96
C LEU E 98 4.90 -8.31 -23.51
N MET E 99 5.36 -9.54 -23.26
CA MET E 99 4.44 -10.55 -22.75
C MET E 99 4.02 -10.23 -21.33
N SER E 100 4.90 -9.61 -20.54
CA SER E 100 4.51 -9.27 -19.17
C SER E 100 3.54 -8.08 -19.19
N ILE E 101 3.79 -7.10 -20.06
CA ILE E 101 2.83 -6.00 -20.19
C ILE E 101 1.48 -6.51 -20.65
N VAL E 102 1.46 -7.42 -21.63
CA VAL E 102 0.20 -7.95 -22.11
C VAL E 102 -0.52 -8.75 -21.03
N SER E 103 0.22 -9.55 -20.25
CA SER E 103 -0.42 -10.31 -19.19
C SER E 103 -0.98 -9.39 -18.11
N SER E 104 -0.27 -8.32 -17.79
CA SER E 104 -0.79 -7.34 -16.84
C SER E 104 -2.09 -6.72 -17.36
N LEU E 105 -2.10 -6.32 -18.64
CA LEU E 105 -3.30 -5.72 -19.21
C LEU E 105 -4.47 -6.71 -19.23
N HIS E 106 -4.20 -7.97 -19.56
CA HIS E 106 -5.27 -8.95 -19.66
C HIS E 106 -5.82 -9.31 -18.28
N LEU E 107 -4.94 -9.57 -17.31
CA LEU E 107 -5.37 -9.82 -15.94
C LEU E 107 -6.10 -8.63 -15.34
N SER E 108 -5.83 -7.41 -15.84
CA SER E 108 -6.54 -6.25 -15.31
C SER E 108 -7.93 -6.06 -15.90
N ILE E 109 -8.30 -6.78 -16.95
CA ILE E 109 -9.73 -6.95 -17.19
C ILE E 109 -10.26 -7.93 -16.15
N ARG E 110 -11.16 -7.47 -15.30
CA ARG E 110 -11.63 -8.26 -14.17
C ARG E 110 -12.92 -8.98 -14.55
N GLY E 111 -13.31 -9.95 -13.72
CA GLY E 111 -14.47 -10.76 -14.04
C GLY E 111 -14.11 -11.90 -14.97
N ASN E 112 -15.06 -12.26 -15.82
CA ASN E 112 -14.88 -13.36 -16.76
C ASN E 112 -14.84 -12.83 -18.19
N SER E 113 -13.80 -13.23 -18.93
CA SER E 113 -13.62 -12.75 -20.29
C SER E 113 -14.47 -13.51 -21.30
N ASN E 114 -15.38 -14.36 -20.81
CA ASN E 114 -16.35 -15.10 -21.62
C ASN E 114 -15.69 -16.15 -22.50
N TYR E 115 -14.36 -16.17 -22.55
CA TYR E 115 -13.56 -17.19 -23.24
C TYR E 115 -13.85 -17.27 -24.74
N LYS E 116 -14.78 -16.48 -25.26
CA LYS E 116 -15.12 -16.51 -26.67
C LYS E 116 -15.12 -15.14 -27.33
N ALA E 117 -14.54 -14.13 -26.67
CA ALA E 117 -14.44 -12.79 -27.24
C ALA E 117 -13.00 -12.37 -27.48
N VAL E 118 -12.04 -13.26 -27.27
CA VAL E 118 -10.63 -12.95 -27.46
C VAL E 118 -10.10 -13.90 -28.53
N SER E 119 -9.34 -13.34 -29.47
CA SER E 119 -8.61 -14.12 -30.46
C SER E 119 -7.12 -13.80 -30.33
N CYS E 120 -6.29 -14.81 -30.52
CA CYS E 120 -4.86 -14.65 -30.24
C CYS E 120 -4.05 -15.04 -31.46
N ASP E 121 -2.88 -14.43 -31.59
CA ASP E 121 -1.88 -14.85 -32.56
C ASP E 121 -0.52 -14.53 -31.94
N PHE E 122 0.05 -15.51 -31.24
CA PHE E 122 1.35 -15.33 -30.60
C PHE E 122 2.49 -15.76 -31.50
N ASN E 123 2.20 -16.23 -32.71
CA ASN E 123 3.25 -16.59 -33.65
C ASN E 123 3.79 -15.35 -34.34
N ASN E 124 5.09 -15.36 -34.61
CA ASN E 124 5.83 -14.34 -35.37
C ASN E 124 5.42 -12.92 -34.97
N GLY E 125 5.18 -12.72 -33.68
CA GLY E 125 4.65 -11.49 -33.14
C GLY E 125 3.48 -11.75 -32.21
N ILE E 126 3.08 -10.70 -31.49
CA ILE E 126 1.97 -10.78 -30.55
C ILE E 126 0.81 -9.97 -31.10
N THR E 127 -0.33 -10.62 -31.31
CA THR E 127 -1.51 -9.95 -31.85
C THR E 127 -2.75 -10.51 -31.16
N ILE E 128 -3.38 -9.70 -30.32
CA ILE E 128 -4.56 -10.12 -29.56
C ILE E 128 -5.71 -9.21 -29.92
N GLN E 129 -6.83 -9.79 -30.35
CA GLN E 129 -7.99 -9.04 -30.78
C GLN E 129 -9.16 -9.29 -29.85
N TYR E 130 -9.73 -8.21 -29.33
CA TYR E 130 -10.92 -8.24 -28.49
C TYR E 130 -12.13 -7.83 -29.31
N ASN E 131 -13.26 -8.51 -29.09
CA ASN E 131 -14.36 -8.46 -30.06
C ASN E 131 -15.42 -7.43 -29.70
N LEU E 132 -15.58 -7.08 -28.42
CA LEU E 132 -16.05 -5.75 -28.03
C LEU E 132 -17.41 -5.42 -28.64
N THR E 133 -18.30 -6.41 -28.70
CA THR E 133 -19.62 -6.22 -29.28
C THR E 133 -20.67 -6.88 -28.41
N PHE E 134 -21.90 -6.39 -28.54
CA PHE E 134 -23.01 -6.93 -27.77
C PHE E 134 -23.41 -8.31 -28.32
N SER E 135 -23.55 -9.28 -27.42
CA SER E 135 -23.89 -10.63 -27.82
C SER E 135 -25.34 -10.72 -28.29
N GLN E 141 -29.48 -0.90 -21.60
CA GLN E 141 -29.01 0.47 -21.46
C GLN E 141 -28.00 0.58 -20.32
N SER E 142 -27.77 -0.53 -19.63
CA SER E 142 -26.70 -0.60 -18.65
C SER E 142 -25.35 -0.27 -19.29
N GLN E 143 -25.05 -0.92 -20.41
CA GLN E 143 -23.87 -0.64 -21.23
C GLN E 143 -22.56 -0.88 -20.47
N CYS E 144 -22.63 -1.33 -19.23
CA CYS E 144 -21.46 -1.63 -18.42
C CYS E 144 -21.35 -3.09 -18.03
N ARG E 145 -22.47 -3.80 -17.94
CA ARG E 145 -22.47 -5.20 -17.55
C ARG E 145 -21.96 -6.12 -18.65
N THR E 146 -21.73 -5.60 -19.85
CA THR E 146 -21.22 -6.40 -20.95
C THR E 146 -19.70 -6.47 -20.92
N PHE E 147 -19.16 -7.23 -21.88
CA PHE E 147 -17.72 -7.36 -22.06
C PHE E 147 -17.11 -6.05 -22.55
N ARG E 148 -17.87 -5.29 -23.36
CA ARG E 148 -17.43 -3.98 -23.78
C ARG E 148 -17.19 -3.07 -22.60
N GLY E 149 -18.09 -3.08 -21.61
CA GLY E 149 -17.92 -2.24 -20.45
C GLY E 149 -16.62 -2.51 -19.73
N ARG E 150 -16.30 -3.78 -19.50
CA ARG E 150 -15.10 -4.13 -18.74
C ARG E 150 -13.83 -3.91 -19.57
N VAL E 151 -13.89 -4.15 -20.88
CA VAL E 151 -12.71 -3.92 -21.71
C VAL E 151 -12.42 -2.43 -21.81
N LEU E 152 -13.46 -1.61 -21.99
CA LEU E 152 -13.28 -0.17 -21.84
C LEU E 152 -12.79 0.21 -20.46
N ASP E 153 -13.22 -0.50 -19.42
CA ASP E 153 -12.72 -0.18 -18.08
C ASP E 153 -11.22 -0.41 -17.97
N MET E 154 -10.71 -1.47 -18.61
CA MET E 154 -9.28 -1.75 -18.52
C MET E 154 -8.49 -0.79 -19.41
N PHE E 155 -8.96 -0.53 -20.63
CA PHE E 155 -8.34 0.50 -21.45
C PHE E 155 -8.32 1.86 -20.74
N ARG E 156 -9.50 2.33 -20.33
CA ARG E 156 -9.68 3.44 -19.40
C ARG E 156 -8.61 3.48 -18.31
N THR E 157 -8.52 2.45 -17.47
CA THR E 157 -7.66 2.53 -16.30
C THR E 157 -6.18 2.47 -16.67
N ALA E 158 -5.83 1.94 -17.85
CA ALA E 158 -4.45 2.00 -18.29
C ALA E 158 -4.08 3.37 -18.86
N PHE E 159 -4.98 3.99 -19.62
CA PHE E 159 -4.63 5.16 -20.42
C PHE E 159 -5.27 6.46 -19.96
N GLY E 160 -6.02 6.44 -18.85
CA GLY E 160 -6.71 7.64 -18.41
C GLY E 160 -8.04 7.81 -19.11
N GLY E 161 -8.73 8.89 -18.75
CA GLY E 161 -10.06 9.15 -19.28
C GLY E 161 -10.16 10.36 -20.18
N LYS E 162 -9.07 10.71 -20.86
CA LYS E 162 -9.09 11.90 -21.72
C LYS E 162 -9.81 11.61 -23.03
N TYR E 163 -9.68 10.40 -23.56
CA TYR E 163 -10.34 9.99 -24.78
C TYR E 163 -11.39 8.94 -24.45
N MET E 164 -12.29 8.67 -25.40
CA MET E 164 -13.38 7.71 -25.19
C MET E 164 -14.20 7.91 -23.92
N ARG E 165 -14.08 9.04 -23.24
CA ARG E 165 -14.86 9.32 -22.04
C ARG E 165 -16.10 10.15 -22.38
N SER E 166 -17.16 9.95 -21.59
CA SER E 166 -18.37 10.77 -21.64
C SER E 166 -18.15 12.03 -20.81
N CYS E 167 -19.24 12.75 -20.48
CA CYS E 167 -19.05 13.93 -19.64
C CYS E 167 -18.17 15.01 -20.27
N GLY E 175 -27.41 16.47 -15.80
CA GLY E 175 -27.05 15.40 -16.71
C GLY E 175 -26.17 14.34 -16.08
N LYS E 176 -26.67 13.12 -16.01
CA LYS E 176 -25.95 11.99 -15.43
C LYS E 176 -25.45 11.06 -16.53
N THR E 177 -24.19 10.68 -16.43
CA THR E 177 -23.53 9.82 -17.41
C THR E 177 -23.17 8.49 -16.75
N THR E 178 -23.34 7.41 -17.51
CA THR E 178 -23.01 6.07 -17.04
C THR E 178 -21.57 5.99 -16.57
N TRP E 179 -21.28 4.97 -15.75
CA TRP E 179 -19.94 4.83 -15.19
C TRP E 179 -18.92 4.48 -16.25
N CYS E 180 -19.04 3.30 -16.85
CA CYS E 180 -18.07 2.81 -17.83
C CYS E 180 -18.02 3.73 -19.04
N SER E 181 -16.87 3.71 -19.72
CA SER E 181 -16.66 4.57 -20.86
C SER E 181 -17.52 4.11 -22.05
N GLN E 182 -17.66 5.01 -23.03
CA GLN E 182 -18.48 4.75 -24.21
C GLN E 182 -17.59 4.68 -25.45
N THR E 183 -17.96 3.78 -26.36
CA THR E 183 -17.19 3.55 -27.56
C THR E 183 -18.11 3.28 -28.74
N SER E 184 -17.69 3.75 -29.91
CA SER E 184 -18.42 3.53 -31.15
C SER E 184 -17.76 2.50 -32.07
N TYR E 185 -16.65 1.91 -31.64
CA TYR E 185 -16.01 0.86 -32.41
C TYR E 185 -16.47 -0.50 -31.88
N GLN E 186 -16.03 -1.57 -32.55
CA GLN E 186 -16.41 -2.90 -32.12
C GLN E 186 -15.23 -3.88 -32.17
N TYR E 187 -14.01 -3.38 -32.01
CA TYR E 187 -12.79 -4.18 -32.10
C TYR E 187 -11.68 -3.47 -31.33
N LEU E 188 -10.76 -4.26 -30.78
CA LEU E 188 -9.58 -3.69 -30.11
C LEU E 188 -8.40 -4.62 -30.35
N ILE E 189 -7.42 -4.17 -31.13
CA ILE E 189 -6.31 -5.01 -31.54
C ILE E 189 -5.03 -4.51 -30.88
N ILE E 190 -4.37 -5.39 -30.13
CA ILE E 190 -3.09 -5.09 -29.50
C ILE E 190 -2.02 -5.88 -30.25
N GLN E 191 -1.10 -5.17 -30.88
CA GLN E 191 -0.01 -5.75 -31.63
C GLN E 191 1.32 -5.22 -31.11
N ASN E 192 2.42 -5.76 -31.63
CA ASN E 192 3.74 -5.26 -31.30
C ASN E 192 4.22 -4.31 -32.40
N ARG E 193 4.84 -3.21 -31.98
CA ARG E 193 5.35 -2.23 -32.93
C ARG E 193 6.65 -1.65 -32.42
N THR E 194 7.66 -1.57 -33.29
CA THR E 194 8.95 -1.04 -32.89
C THR E 194 8.89 0.47 -32.72
N TRP E 195 8.99 0.91 -31.46
CA TRP E 195 8.75 2.31 -31.09
C TRP E 195 9.52 3.27 -31.97
N GLU E 196 8.84 4.33 -32.43
CA GLU E 196 9.44 5.35 -33.27
C GLU E 196 9.03 6.76 -32.83
N ASN E 197 8.79 6.94 -31.53
CA ASN E 197 8.38 8.23 -30.97
C ASN E 197 7.12 8.74 -31.64
N HIS E 198 6.06 7.93 -31.57
CA HIS E 198 4.79 8.28 -32.20
C HIS E 198 4.04 9.35 -31.40
N CYS E 199 4.00 9.22 -30.09
CA CYS E 199 3.28 10.16 -29.24
C CYS E 199 4.29 10.98 -28.44
N THR E 200 3.76 11.81 -27.54
CA THR E 200 4.58 12.46 -26.53
C THR E 200 4.67 11.56 -25.30
N TYR E 201 5.88 11.34 -24.81
CA TYR E 201 6.08 10.45 -23.68
C TYR E 201 5.29 10.91 -22.47
N ALA E 202 4.63 9.96 -21.79
CA ALA E 202 3.79 10.27 -20.64
C ALA E 202 4.40 9.81 -19.33
N GLY E 203 4.81 8.54 -19.24
CA GLY E 203 5.42 8.03 -18.04
C GLY E 203 4.82 6.70 -17.62
N PRO E 204 5.31 6.16 -16.51
CA PRO E 204 4.82 4.85 -16.04
C PRO E 204 3.61 4.92 -15.14
N PHE E 205 2.92 6.05 -15.11
CA PHE E 205 1.79 6.22 -14.20
C PHE E 205 0.61 5.33 -14.59
N GLY E 206 0.32 5.23 -15.88
CA GLY E 206 -0.75 4.33 -16.32
C GLY E 206 -0.43 2.88 -16.03
N MET E 207 0.82 2.48 -16.26
CA MET E 207 1.22 1.12 -15.91
C MET E 207 1.15 0.88 -14.41
N SER E 208 1.46 1.91 -13.60
CA SER E 208 1.30 1.79 -12.16
C SER E 208 -0.15 1.59 -11.78
N ARG E 209 -1.06 2.35 -12.40
CA ARG E 209 -2.48 2.15 -12.14
C ARG E 209 -2.93 0.75 -12.54
N ILE E 210 -2.38 0.22 -13.63
CA ILE E 210 -2.68 -1.15 -14.01
C ILE E 210 -2.18 -2.13 -12.95
N LEU E 211 -0.97 -1.90 -12.44
CA LEU E 211 -0.40 -2.81 -11.45
C LEU E 211 -1.22 -2.81 -10.17
N LEU E 212 -1.66 -1.64 -9.71
CA LEU E 212 -2.46 -1.58 -8.49
C LEU E 212 -3.81 -2.25 -8.67
N SER E 213 -4.48 -1.97 -9.79
CA SER E 213 -5.81 -2.53 -10.06
C SER E 213 -5.66 -3.81 -10.87
N GLN E 214 -5.17 -4.85 -10.20
CA GLN E 214 -4.97 -6.16 -10.82
C GLN E 214 -5.59 -7.23 -9.93
N GLU E 215 -6.47 -8.04 -10.52
CA GLU E 215 -7.15 -9.13 -9.82
C GLU E 215 -7.90 -8.63 -8.59
N LYS E 216 -8.88 -7.76 -8.85
CA LYS E 216 -9.70 -7.19 -7.79
C LYS E 216 -11.17 -7.52 -8.01
N TRP F 5 18.72 11.44 0.58
CA TRP F 5 17.89 10.37 0.06
C TRP F 5 18.21 10.08 -1.39
N THR F 6 19.16 10.83 -1.95
CA THR F 6 19.52 10.68 -3.35
C THR F 6 20.27 9.37 -3.56
N LEU F 7 19.85 8.61 -4.58
CA LEU F 7 20.50 7.35 -4.92
C LEU F 7 21.74 7.53 -5.78
N SER F 8 21.99 8.74 -6.28
CA SER F 8 23.16 8.99 -7.12
C SER F 8 24.09 10.01 -6.47
N TYR F 19 21.57 19.04 -5.24
CA TYR F 19 20.85 18.34 -6.30
C TYR F 19 19.79 19.22 -6.94
N CYS F 20 19.86 19.36 -8.26
CA CYS F 20 18.82 20.07 -9.00
C CYS F 20 18.88 19.64 -10.46
N LEU F 21 17.82 19.94 -11.19
CA LEU F 21 17.60 19.39 -12.52
C LEU F 21 18.62 19.93 -13.52
N THR F 22 18.53 19.44 -14.75
CA THR F 22 19.48 19.80 -15.80
C THR F 22 18.72 20.08 -17.10
N LYS F 23 19.46 20.16 -18.22
CA LYS F 23 18.87 20.59 -19.48
C LYS F 23 17.93 19.53 -20.06
N TRP F 24 18.35 18.27 -20.09
CA TRP F 24 17.56 17.24 -20.77
C TRP F 24 16.28 16.89 -20.02
N MET F 25 16.21 17.16 -18.72
CA MET F 25 15.00 16.86 -17.98
C MET F 25 13.92 17.92 -18.18
N ILE F 26 14.32 19.17 -18.47
CA ILE F 26 13.37 20.25 -18.69
C ILE F 26 13.06 20.33 -20.19
N LEU F 27 11.77 20.35 -20.53
CA LEU F 27 11.38 20.33 -21.93
C LEU F 27 11.29 21.72 -22.52
N ALA F 28 10.85 22.70 -21.73
CA ALA F 28 10.58 24.04 -22.25
C ALA F 28 11.82 24.92 -22.28
N ALA F 29 12.41 25.19 -21.11
CA ALA F 29 13.55 26.09 -21.04
C ALA F 29 14.86 25.33 -21.22
N GLU F 30 15.95 26.08 -21.36
CA GLU F 30 17.26 25.47 -21.58
C GLU F 30 17.74 24.77 -20.30
N LEU F 31 17.59 25.42 -19.15
CA LEU F 31 17.99 24.84 -17.87
C LEU F 31 17.45 25.67 -16.72
N LYS F 32 16.80 25.00 -15.77
CA LYS F 32 16.42 25.61 -14.50
C LYS F 32 16.44 24.52 -13.43
N CYS F 33 16.70 24.93 -12.20
CA CYS F 33 16.71 23.97 -11.10
C CYS F 33 16.52 24.72 -9.78
N PHE F 34 16.39 23.94 -8.71
CA PHE F 34 15.84 24.40 -7.44
C PHE F 34 16.92 24.49 -6.37
N GLY F 35 16.48 24.82 -5.15
CA GLY F 35 17.37 24.91 -4.01
C GLY F 35 17.37 23.65 -3.17
N ASN F 36 17.94 23.77 -1.97
CA ASN F 36 18.09 22.62 -1.08
C ASN F 36 16.82 22.35 -0.28
N THR F 37 15.94 23.34 -0.10
CA THR F 37 14.77 23.14 0.73
C THR F 37 13.78 22.14 0.10
N ALA F 38 13.63 22.18 -1.22
CA ALA F 38 12.69 21.27 -1.88
C ALA F 38 13.15 19.83 -1.79
N VAL F 39 14.42 19.57 -2.11
CA VAL F 39 14.94 18.21 -2.01
C VAL F 39 14.99 17.75 -0.56
N ALA F 40 15.25 18.65 0.38
CA ALA F 40 15.23 18.29 1.79
C ALA F 40 13.82 18.01 2.29
N LYS F 41 12.80 18.60 1.66
CA LYS F 41 11.42 18.35 2.04
C LYS F 41 10.84 17.10 1.38
N CYS F 42 11.35 16.72 0.20
CA CYS F 42 10.91 15.50 -0.46
C CYS F 42 11.59 14.26 0.09
N ASN F 43 11.57 14.05 1.40
CA ASN F 43 12.10 12.85 2.02
C ASN F 43 10.92 11.98 2.44
N VAL F 44 10.47 11.12 1.52
CA VAL F 44 9.24 10.38 1.68
C VAL F 44 8.12 11.39 1.96
N ASN F 45 7.79 12.18 0.95
CA ASN F 45 6.69 13.14 1.02
C ASN F 45 5.69 12.75 -0.05
N HIS F 46 4.45 12.49 0.36
CA HIS F 46 3.43 11.95 -0.53
C HIS F 46 2.14 12.76 -0.47
N ASP F 47 2.24 14.02 -0.09
CA ASP F 47 1.19 14.99 -0.32
C ASP F 47 1.44 15.83 -1.55
N GLU F 48 2.50 15.56 -2.30
CA GLU F 48 2.90 16.35 -3.45
C GLU F 48 3.36 15.43 -4.57
N GLU F 49 3.13 15.88 -5.82
CA GLU F 49 3.52 15.10 -6.99
C GLU F 49 4.95 15.40 -7.45
N PHE F 50 5.44 16.61 -7.16
CA PHE F 50 6.80 16.97 -7.56
C PHE F 50 7.83 16.08 -6.88
N CYS F 51 7.58 15.69 -5.63
CA CYS F 51 8.49 14.77 -4.95
C CYS F 51 8.53 13.42 -5.64
N ASP F 52 7.37 12.93 -6.10
CA ASP F 52 7.36 11.68 -6.85
C ASP F 52 8.12 11.81 -8.16
N MET F 53 7.96 12.94 -8.85
CA MET F 53 8.71 13.17 -10.08
C MET F 53 10.22 13.19 -9.81
N LEU F 54 10.63 13.86 -8.73
CA LEU F 54 12.04 13.87 -8.37
C LEU F 54 12.56 12.48 -8.05
N ARG F 55 11.75 11.68 -7.35
CA ARG F 55 12.15 10.31 -7.05
C ARG F 55 12.32 9.49 -8.32
N LEU F 56 11.39 9.65 -9.27
CA LEU F 56 11.49 8.93 -10.54
C LEU F 56 12.75 9.32 -11.30
N ILE F 57 13.01 10.63 -11.40
CA ILE F 57 14.19 11.09 -12.12
C ILE F 57 15.47 10.60 -11.44
N ASP F 58 15.51 10.66 -10.12
CA ASP F 58 16.68 10.19 -9.38
C ASP F 58 16.91 8.71 -9.58
N TYR F 59 15.83 7.91 -9.54
CA TYR F 59 15.97 6.48 -9.77
C TYR F 59 16.49 6.19 -11.17
N ASN F 60 15.97 6.90 -12.18
CA ASN F 60 16.44 6.69 -13.54
C ASN F 60 17.91 7.07 -13.67
N LYS F 61 18.31 8.21 -13.10
CA LYS F 61 19.70 8.65 -13.20
C LYS F 61 20.63 7.66 -12.51
N ALA F 62 20.23 7.14 -11.34
CA ALA F 62 21.08 6.21 -10.62
C ALA F 62 21.14 4.85 -11.29
N ALA F 63 20.05 4.43 -11.94
CA ALA F 63 20.06 3.13 -12.61
C ALA F 63 20.84 3.17 -13.92
N LEU F 64 20.79 4.30 -14.63
CA LEU F 64 21.49 4.38 -15.90
C LEU F 64 23.01 4.42 -15.72
N SER F 65 23.48 4.98 -14.61
CA SER F 65 24.91 5.17 -14.39
C SER F 65 25.58 4.00 -13.69
N LYS F 66 24.82 2.96 -13.30
CA LYS F 66 25.39 1.83 -12.58
C LYS F 66 25.10 0.48 -13.22
N PHE F 67 24.10 0.37 -14.10
CA PHE F 67 23.70 -0.90 -14.69
C PHE F 67 23.71 -0.79 -16.20
N LYS F 68 24.08 -1.90 -16.85
CA LYS F 68 24.03 -1.94 -18.31
C LYS F 68 22.57 -1.94 -18.77
N PRO F 69 22.30 -1.45 -19.98
CA PRO F 69 20.92 -1.43 -20.47
C PRO F 69 20.33 -2.83 -20.55
N ASP F 70 19.13 -2.98 -20.02
CA ASP F 70 18.40 -4.25 -20.05
C ASP F 70 16.92 -3.95 -19.80
N VAL F 71 16.07 -4.33 -20.75
CA VAL F 71 14.66 -3.95 -20.68
C VAL F 71 13.91 -4.83 -19.67
N GLU F 72 14.08 -6.14 -19.76
CA GLU F 72 13.34 -7.05 -18.89
C GLU F 72 13.70 -6.84 -17.43
N SER F 73 15.00 -6.73 -17.14
CA SER F 73 15.43 -6.53 -15.75
C SER F 73 14.96 -5.20 -15.21
N ALA F 74 15.00 -4.15 -16.03
CA ALA F 74 14.51 -2.84 -15.59
C ALA F 74 13.02 -2.90 -15.29
N LEU F 75 12.24 -3.57 -16.14
CA LEU F 75 10.81 -3.72 -15.88
C LEU F 75 10.56 -4.51 -14.60
N HIS F 76 11.34 -5.57 -14.37
CA HIS F 76 11.18 -6.36 -13.16
C HIS F 76 11.47 -5.52 -11.91
N LEU F 77 12.57 -4.76 -11.95
CA LEU F 77 12.92 -3.94 -10.79
C LEU F 77 11.91 -2.83 -10.57
N PHE F 78 11.35 -2.27 -11.64
CA PHE F 78 10.30 -1.27 -11.49
C PHE F 78 9.05 -1.87 -10.87
N LYS F 79 8.64 -3.05 -11.34
CA LYS F 79 7.46 -3.70 -10.78
C LYS F 79 7.66 -4.05 -9.31
N THR F 80 8.86 -4.49 -8.94
CA THR F 80 9.12 -4.82 -7.54
C THR F 80 9.08 -3.58 -6.66
N THR F 81 9.67 -2.48 -7.12
CA THR F 81 9.81 -1.26 -6.34
C THR F 81 9.00 -0.11 -6.92
N VAL F 82 7.80 -0.40 -7.43
CA VAL F 82 6.94 0.68 -7.93
C VAL F 82 6.41 1.52 -6.78
N ASN F 83 6.11 0.90 -5.63
CA ASN F 83 5.58 1.63 -4.50
C ASN F 83 6.61 2.55 -3.88
N SER F 84 7.90 2.22 -4.03
CA SER F 84 8.97 3.03 -3.46
C SER F 84 9.18 4.34 -4.19
N LEU F 85 8.58 4.53 -5.36
CA LEU F 85 8.83 5.69 -6.20
C LEU F 85 7.59 6.53 -6.44
N ILE F 86 6.50 5.93 -6.88
CA ILE F 86 5.26 6.64 -7.23
C ILE F 86 4.29 6.52 -6.05
N SER F 87 3.78 7.66 -5.60
CA SER F 87 2.77 7.67 -4.55
C SER F 87 1.47 7.07 -5.10
N ASP F 88 1.07 5.92 -4.55
CA ASP F 88 -0.10 5.22 -5.05
C ASP F 88 -1.38 6.03 -4.85
N GLN F 89 -1.55 6.59 -3.66
CA GLN F 89 -2.80 7.27 -3.33
C GLN F 89 -2.94 8.60 -4.06
N LEU F 90 -1.82 9.31 -4.25
CA LEU F 90 -1.87 10.52 -5.05
C LEU F 90 -2.26 10.20 -6.48
N LEU F 91 -1.70 9.12 -7.02
CA LEU F 91 -2.03 8.70 -8.38
C LEU F 91 -3.50 8.36 -8.50
N MET F 92 -4.04 7.63 -7.52
CA MET F 92 -5.45 7.26 -7.58
C MET F 92 -6.38 8.45 -7.34
N ARG F 93 -5.98 9.42 -6.52
CA ARG F 93 -6.82 10.60 -6.36
C ARG F 93 -6.83 11.44 -7.63
N ASN F 94 -5.66 11.59 -8.27
CA ASN F 94 -5.62 12.32 -9.54
C ASN F 94 -6.44 11.60 -10.60
N HIS F 95 -6.41 10.27 -10.59
CA HIS F 95 -7.32 9.50 -11.43
C HIS F 95 -8.77 9.85 -11.13
N LEU F 96 -9.17 9.78 -9.86
CA LEU F 96 -10.56 10.05 -9.48
C LEU F 96 -10.97 11.46 -9.90
N ARG F 97 -10.04 12.41 -9.84
CA ARG F 97 -10.34 13.76 -10.28
C ARG F 97 -10.55 13.80 -11.79
N ASP F 98 -9.72 13.09 -12.54
CA ASP F 98 -9.91 12.99 -13.99
C ASP F 98 -11.26 12.35 -14.30
N LEU F 99 -11.70 11.42 -13.45
CA LEU F 99 -12.91 10.63 -13.72
C LEU F 99 -14.16 11.48 -13.80
N MET F 100 -14.32 12.42 -12.87
CA MET F 100 -15.59 13.10 -12.67
C MET F 100 -15.63 14.48 -13.29
N CYS F 101 -14.91 14.70 -14.39
CA CYS F 101 -14.89 16.01 -15.03
C CYS F 101 -14.40 17.09 -14.06
N VAL F 102 -13.26 16.81 -13.42
CA VAL F 102 -12.66 17.71 -12.44
C VAL F 102 -11.21 17.99 -12.85
N PRO F 103 -10.71 19.22 -12.71
CA PRO F 103 -9.31 19.49 -13.05
C PRO F 103 -8.37 18.64 -12.21
N TYR F 104 -7.51 17.89 -12.89
CA TYR F 104 -6.62 16.93 -12.27
C TYR F 104 -5.17 17.22 -12.66
N CYS F 105 -4.26 16.47 -12.07
CA CYS F 105 -2.83 16.56 -12.37
C CYS F 105 -2.43 15.41 -13.27
N ASN F 106 -1.86 15.74 -14.44
CA ASN F 106 -1.37 14.72 -15.35
C ASN F 106 0.15 14.70 -15.43
N TYR F 107 0.82 15.24 -14.41
CA TYR F 107 2.25 15.05 -14.15
C TYR F 107 3.15 15.73 -15.17
N SER F 108 2.63 16.71 -15.90
CA SER F 108 3.41 17.38 -16.93
C SER F 108 3.99 18.72 -16.47
N LYS F 109 3.14 19.64 -16.01
CA LYS F 109 3.55 21.00 -15.70
C LYS F 109 3.41 21.25 -14.21
N PHE F 110 4.44 21.85 -13.62
CA PHE F 110 4.44 22.23 -12.21
C PHE F 110 4.82 23.70 -12.09
N TRP F 111 4.18 24.39 -11.16
CA TRP F 111 4.39 25.81 -10.96
C TRP F 111 4.78 26.08 -9.51
N TYR F 112 5.65 27.07 -9.31
CA TYR F 112 6.16 27.39 -7.98
C TYR F 112 6.51 28.87 -7.94
N LEU F 113 6.86 29.33 -6.73
CA LEU F 113 7.33 30.69 -6.51
C LEU F 113 8.73 30.63 -5.90
N GLU F 114 9.62 31.49 -6.38
CA GLU F 114 10.99 31.53 -5.88
C GLU F 114 11.35 32.96 -5.50
N HIS F 115 12.34 33.09 -4.62
CA HIS F 115 12.83 34.41 -4.25
C HIS F 115 13.62 35.02 -5.42
N ALA F 116 13.51 36.34 -5.56
CA ALA F 116 14.15 37.02 -6.67
C ALA F 116 15.68 36.98 -6.55
N LYS F 117 16.21 37.11 -5.33
CA LYS F 117 17.65 37.24 -5.14
C LYS F 117 18.29 35.98 -4.57
N THR F 118 17.80 35.49 -3.43
CA THR F 118 18.48 34.39 -2.76
C THR F 118 18.07 33.03 -3.31
N GLY F 119 17.15 33.03 -4.28
CA GLY F 119 16.69 31.79 -4.88
C GLY F 119 15.94 30.86 -3.96
N GLU F 120 15.25 31.40 -2.95
CA GLU F 120 14.46 30.59 -2.04
C GLU F 120 13.21 30.10 -2.75
N THR F 121 13.22 28.84 -3.18
CA THR F 121 12.13 28.25 -3.93
C THR F 121 11.19 27.49 -3.00
N SER F 122 9.96 27.29 -3.45
CA SER F 122 8.97 26.50 -2.74
C SER F 122 8.79 25.15 -3.43
N VAL F 123 7.87 24.36 -2.91
CA VAL F 123 7.56 23.06 -3.50
C VAL F 123 6.60 23.28 -4.67
N PRO F 124 6.99 22.93 -5.89
CA PRO F 124 6.12 23.19 -7.05
C PRO F 124 4.82 22.40 -6.98
N LYS F 125 3.71 23.13 -6.98
CA LYS F 125 2.41 22.51 -7.12
C LYS F 125 2.15 22.12 -8.57
N CYS F 126 1.35 21.07 -8.75
CA CYS F 126 1.02 20.62 -10.10
C CYS F 126 0.07 21.59 -10.78
N TRP F 127 0.25 21.75 -12.08
CA TRP F 127 -0.61 22.59 -12.90
C TRP F 127 -1.80 21.75 -13.35
N LEU F 128 -2.97 22.03 -12.80
CA LEU F 128 -4.16 21.22 -13.10
C LEU F 128 -4.57 21.39 -14.55
N VAL F 129 -5.13 20.32 -15.11
CA VAL F 129 -5.56 20.28 -16.51
C VAL F 129 -6.99 19.78 -16.56
N THR F 130 -7.79 20.39 -17.42
CA THR F 130 -9.18 19.96 -17.62
C THR F 130 -9.58 20.22 -19.07
N ASN F 131 -10.41 19.32 -19.60
CA ASN F 131 -10.89 19.39 -20.98
C ASN F 131 -9.73 19.51 -21.97
N GLY F 132 -8.66 18.76 -21.70
CA GLY F 132 -7.49 18.78 -22.55
C GLY F 132 -6.80 20.13 -22.64
N ALA F 133 -6.79 20.89 -21.56
CA ALA F 133 -6.15 22.20 -21.55
C ALA F 133 -5.80 22.59 -20.12
N TYR F 134 -4.67 23.27 -19.97
CA TYR F 134 -4.23 23.70 -18.66
C TYR F 134 -5.17 24.75 -18.08
N LEU F 135 -5.28 24.76 -16.75
CA LEU F 135 -6.07 25.77 -16.08
C LEU F 135 -5.45 27.14 -16.26
N ASN F 136 -6.30 28.16 -16.37
CA ASN F 136 -5.82 29.53 -16.48
C ASN F 136 -5.24 30.00 -15.15
N GLU F 137 -4.36 30.99 -15.22
CA GLU F 137 -3.69 31.48 -14.02
C GLU F 137 -4.67 32.10 -13.03
N THR F 138 -5.81 32.61 -13.52
CA THR F 138 -6.78 33.25 -12.65
C THR F 138 -7.67 32.25 -11.91
N HIS F 139 -7.66 30.98 -12.31
CA HIS F 139 -8.51 29.99 -11.67
C HIS F 139 -7.97 29.56 -10.31
N PHE F 140 -6.65 29.49 -10.16
CA PHE F 140 -6.03 29.07 -8.91
C PHE F 140 -5.15 30.17 -8.31
N SER F 141 -5.53 31.43 -8.50
CA SER F 141 -4.76 32.53 -7.93
C SER F 141 -4.83 32.52 -6.41
N ASP F 142 -5.93 32.03 -5.84
CA ASP F 142 -6.04 31.95 -4.38
C ASP F 142 -5.00 31.02 -3.79
N GLN F 143 -4.77 29.88 -4.46
CA GLN F 143 -3.72 28.96 -4.00
C GLN F 143 -2.35 29.62 -4.06
N ILE F 144 -2.09 30.39 -5.12
CA ILE F 144 -0.80 31.08 -5.25
C ILE F 144 -0.63 32.09 -4.12
N GLU F 145 -1.68 32.86 -3.83
CA GLU F 145 -1.60 33.83 -2.74
C GLU F 145 -1.38 33.15 -1.39
N GLN F 146 -2.09 32.05 -1.15
CA GLN F 146 -1.93 31.33 0.11
C GLN F 146 -0.51 30.78 0.26
N GLU F 147 0.03 30.23 -0.83
CA GLU F 147 1.40 29.71 -0.77
C GLU F 147 2.40 30.83 -0.57
N ALA F 148 2.18 31.98 -1.22
CA ALA F 148 3.06 33.12 -1.00
C ALA F 148 3.02 33.56 0.47
N ASP F 149 1.83 33.61 1.06
CA ASP F 149 1.71 34.01 2.45
C ASP F 149 2.43 33.04 3.38
N ASN F 150 2.18 31.73 3.21
CA ASN F 150 2.80 30.77 4.12
C ASN F 150 4.31 30.70 3.91
N MET F 151 4.77 30.88 2.67
CA MET F 151 6.20 30.90 2.41
C MET F 151 6.86 32.13 3.03
N ILE F 152 6.20 33.29 2.98
CA ILE F 152 6.78 34.48 3.59
C ILE F 152 6.80 34.35 5.11
N THR F 153 5.78 33.70 5.68
CA THR F 153 5.80 33.46 7.13
C THR F 153 6.94 32.52 7.50
N GLU F 154 7.14 31.46 6.71
CA GLU F 154 8.26 30.56 6.97
C GLU F 154 9.60 31.28 6.82
N MET F 155 9.70 32.18 5.84
CA MET F 155 10.93 32.92 5.62
C MET F 155 11.23 33.84 6.80
N LEU F 156 10.22 34.56 7.30
CA LEU F 156 10.45 35.43 8.45
C LEU F 156 10.77 34.62 9.69
N ARG F 157 10.14 33.44 9.85
CA ARG F 157 10.47 32.58 10.99
C ARG F 157 11.91 32.10 10.90
N LYS F 158 12.36 31.73 9.71
CA LYS F 158 13.75 31.29 9.54
C LYS F 158 14.72 32.45 9.77
N ASP F 159 14.34 33.66 9.38
CA ASP F 159 15.18 34.82 9.65
C ASP F 159 15.29 35.08 11.14
N TYR F 160 14.19 34.92 11.88
CA TYR F 160 14.21 35.16 13.32
C TYR F 160 15.13 34.18 14.04
N ILE F 161 14.78 32.90 14.02
CA ILE F 161 15.45 31.82 14.78
C ILE F 161 16.12 32.30 16.07
#